data_6J0H
# 
_entry.id   6J0H 
# 
_audit_conform.dict_name       mmcif_pdbx.dic 
_audit_conform.dict_version    5.398 
_audit_conform.dict_location   http://mmcif.pdb.org/dictionaries/ascii/mmcif_pdbx.dic 
# 
loop_
_database_2.database_id 
_database_2.database_code 
_database_2.pdbx_database_accession 
_database_2.pdbx_DOI 
PDB   6J0H         pdb_00006j0h 10.2210/pdb6j0h/pdb 
WWPDB D_1300010252 ?            ?                   
# 
loop_
_pdbx_audit_revision_history.ordinal 
_pdbx_audit_revision_history.data_content_type 
_pdbx_audit_revision_history.major_revision 
_pdbx_audit_revision_history.minor_revision 
_pdbx_audit_revision_history.revision_date 
1 'Structure model' 1 0 2019-07-24 
2 'Structure model' 1 1 2019-08-21 
3 'Structure model' 1 2 2019-10-30 
4 'Structure model' 1 3 2022-03-09 
5 'Structure model' 2 0 2023-11-15 
6 'Structure model' 3 0 2024-07-10 
7 'Structure model' 3 1 2024-11-13 
# 
_pdbx_audit_revision_details.ordinal             1 
_pdbx_audit_revision_details.revision_ordinal    1 
_pdbx_audit_revision_details.data_content_type   'Structure model' 
_pdbx_audit_revision_details.provider            repository 
_pdbx_audit_revision_details.type                'Initial release' 
_pdbx_audit_revision_details.description         ? 
_pdbx_audit_revision_details.details             ? 
# 
loop_
_pdbx_audit_revision_group.ordinal 
_pdbx_audit_revision_group.revision_ordinal 
_pdbx_audit_revision_group.data_content_type 
_pdbx_audit_revision_group.group 
1  2 'Structure model' 'Data collection'         
2  2 'Structure model' 'Database references'     
3  3 'Structure model' 'Data collection'         
4  3 'Structure model' 'Database references'     
5  4 'Structure model' 'Database references'     
6  4 'Structure model' 'Derived calculations'    
7  5 'Structure model' Advisory                  
8  5 'Structure model' 'Atomic model'            
9  5 'Structure model' 'Data collection'         
10 5 'Structure model' 'Derived calculations'    
11 6 'Structure model' 'Data collection'         
12 6 'Structure model' 'Derived calculations'    
13 6 'Structure model' 'Non-polymer description' 
14 6 'Structure model' 'Structure summary'       
15 7 'Structure model' 'Structure summary'       
# 
loop_
_pdbx_audit_revision_category.ordinal 
_pdbx_audit_revision_category.revision_ordinal 
_pdbx_audit_revision_category.data_content_type 
_pdbx_audit_revision_category.category 
1  2 'Structure model' citation                    
2  2 'Structure model' citation_author             
3  3 'Structure model' citation                    
4  4 'Structure model' database_2                  
5  4 'Structure model' pdbx_struct_assembly        
6  4 'Structure model' pdbx_struct_assembly_gen    
7  4 'Structure model' pdbx_struct_conn_angle      
8  4 'Structure model' struct_conn                 
9  4 'Structure model' struct_conn_type            
10 5 'Structure model' atom_site                   
11 5 'Structure model' atom_site_anisotrop         
12 5 'Structure model' chem_comp_atom              
13 5 'Structure model' chem_comp_bond              
14 5 'Structure model' pdbx_validate_close_contact 
15 5 'Structure model' struct_conn                 
16 6 'Structure model' chem_comp                   
17 6 'Structure model' chem_comp_atom              
18 6 'Structure model' chem_comp_bond              
19 6 'Structure model' entity                      
20 6 'Structure model' struct_conn                 
21 7 'Structure model' pdbx_entry_details          
22 7 'Structure model' pdbx_modification_feature   
# 
loop_
_pdbx_audit_revision_item.ordinal 
_pdbx_audit_revision_item.revision_ordinal 
_pdbx_audit_revision_item.data_content_type 
_pdbx_audit_revision_item.item 
1  2 'Structure model' '_citation.country'                            
2  2 'Structure model' '_citation.journal_abbrev'                     
3  2 'Structure model' '_citation.journal_id_ASTM'                    
4  2 'Structure model' '_citation.journal_id_CSD'                     
5  2 'Structure model' '_citation.journal_id_ISSN'                    
6  2 'Structure model' '_citation.pdbx_database_id_DOI'               
7  2 'Structure model' '_citation.pdbx_database_id_PubMed'            
8  2 'Structure model' '_citation.title'                              
9  2 'Structure model' '_citation.year'                               
10 3 'Structure model' '_citation.journal_volume'                     
11 3 'Structure model' '_citation.page_first'                         
12 3 'Structure model' '_citation.page_last'                          
13 4 'Structure model' '_database_2.pdbx_DOI'                         
14 4 'Structure model' '_database_2.pdbx_database_accession'          
15 4 'Structure model' '_pdbx_struct_assembly.oligomeric_count'       
16 4 'Structure model' '_pdbx_struct_assembly.oligomeric_details'     
17 4 'Structure model' '_pdbx_struct_assembly_gen.asym_id_list'       
18 4 'Structure model' '_pdbx_struct_conn_angle.ptnr1_auth_comp_id'   
19 4 'Structure model' '_pdbx_struct_conn_angle.ptnr1_auth_seq_id'    
20 4 'Structure model' '_pdbx_struct_conn_angle.ptnr1_label_asym_id'  
21 4 'Structure model' '_pdbx_struct_conn_angle.ptnr1_label_atom_id'  
22 4 'Structure model' '_pdbx_struct_conn_angle.ptnr1_label_comp_id'  
23 4 'Structure model' '_pdbx_struct_conn_angle.ptnr1_label_seq_id'   
24 4 'Structure model' '_pdbx_struct_conn_angle.ptnr1_symmetry'       
25 4 'Structure model' '_pdbx_struct_conn_angle.ptnr3_auth_comp_id'   
26 4 'Structure model' '_pdbx_struct_conn_angle.ptnr3_auth_seq_id'    
27 4 'Structure model' '_pdbx_struct_conn_angle.ptnr3_label_asym_id'  
28 4 'Structure model' '_pdbx_struct_conn_angle.ptnr3_label_atom_id'  
29 4 'Structure model' '_pdbx_struct_conn_angle.ptnr3_label_comp_id'  
30 4 'Structure model' '_pdbx_struct_conn_angle.ptnr3_label_seq_id'   
31 4 'Structure model' '_pdbx_struct_conn_angle.ptnr3_symmetry'       
32 4 'Structure model' '_pdbx_struct_conn_angle.value'                
33 4 'Structure model' '_struct_conn.conn_type_id'                    
34 4 'Structure model' '_struct_conn.id'                              
35 4 'Structure model' '_struct_conn.pdbx_dist_value'                 
36 4 'Structure model' '_struct_conn.pdbx_leaving_atom_flag'          
37 4 'Structure model' '_struct_conn.pdbx_value_order'                
38 4 'Structure model' '_struct_conn.ptnr1_auth_asym_id'              
39 4 'Structure model' '_struct_conn.ptnr1_auth_comp_id'              
40 4 'Structure model' '_struct_conn.ptnr1_auth_seq_id'               
41 4 'Structure model' '_struct_conn.ptnr1_label_asym_id'             
42 4 'Structure model' '_struct_conn.ptnr1_label_atom_id'             
43 4 'Structure model' '_struct_conn.ptnr1_label_comp_id'             
44 4 'Structure model' '_struct_conn.ptnr1_label_seq_id'              
45 4 'Structure model' '_struct_conn.ptnr2_auth_asym_id'              
46 4 'Structure model' '_struct_conn.ptnr2_auth_comp_id'              
47 4 'Structure model' '_struct_conn.ptnr2_auth_seq_id'               
48 4 'Structure model' '_struct_conn.ptnr2_label_asym_id'             
49 4 'Structure model' '_struct_conn.ptnr2_label_atom_id'             
50 4 'Structure model' '_struct_conn.ptnr2_label_comp_id'             
51 4 'Structure model' '_struct_conn.ptnr2_label_seq_id'              
52 4 'Structure model' '_struct_conn.ptnr2_symmetry'                  
53 4 'Structure model' '_struct_conn_type.id'                         
54 5 'Structure model' '_atom_site.auth_atom_id'                      
55 5 'Structure model' '_atom_site.label_atom_id'                     
56 5 'Structure model' '_atom_site_anisotrop.pdbx_auth_atom_id'       
57 5 'Structure model' '_atom_site_anisotrop.pdbx_label_atom_id'      
58 5 'Structure model' '_pdbx_validate_close_contact.auth_atom_id_2'  
59 5 'Structure model' '_struct_conn.ptnr1_label_atom_id'             
60 5 'Structure model' '_struct_conn.ptnr2_label_atom_id'             
61 6 'Structure model' '_chem_comp.formula'                           
62 6 'Structure model' '_chem_comp.formula_weight'                    
63 6 'Structure model' '_entity.formula_weight'                       
64 6 'Structure model' '_struct_conn.pdbx_leaving_atom_flag'          
65 7 'Structure model' '_pdbx_entry_details.has_protein_modification' 
# 
_pdbx_database_status.status_code                     REL 
_pdbx_database_status.status_code_sf                  REL 
_pdbx_database_status.status_code_mr                  ? 
_pdbx_database_status.entry_id                        6J0H 
_pdbx_database_status.recvd_initial_deposition_date   2018-12-24 
_pdbx_database_status.SG_entry                        N 
_pdbx_database_status.deposit_site                    PDBJ 
_pdbx_database_status.process_site                    PDBJ 
_pdbx_database_status.status_code_cs                  ? 
_pdbx_database_status.methods_development_category    ? 
_pdbx_database_status.pdb_format_compatible           Y 
_pdbx_database_status.status_code_nmr_data            ? 
# 
loop_
_audit_author.name 
_audit_author.pdbx_ordinal 
_audit_author.identifier_ORCID 
'Satange, R.B.' 1 ? 
'Hou, M.H.'     2 ? 
# 
_citation.abstract                  ? 
_citation.abstract_id_CAS           ? 
_citation.book_id_ISBN              ? 
_citation.book_publisher            ? 
_citation.book_publisher_city       ? 
_citation.book_title                ? 
_citation.coordinate_linkage        ? 
_citation.country                   UK 
_citation.database_id_Medline       ? 
_citation.details                   ? 
_citation.id                        primary 
_citation.journal_abbrev            'Nucleic Acids Res.' 
_citation.journal_id_ASTM           NARHAD 
_citation.journal_id_CSD            0389 
_citation.journal_id_ISSN           1362-4962 
_citation.journal_full              ? 
_citation.journal_issue             ? 
_citation.journal_volume            47 
_citation.language                  ? 
_citation.page_first                8899 
_citation.page_last                 8912 
_citation.title                     
'Polymorphic G:G mismatches act as hotspots for inducing right-handed Z DNA by DNA intercalation.' 
_citation.year                      2019 
_citation.database_id_CSD           ? 
_citation.pdbx_database_id_DOI      10.1093/nar/gkz653 
_citation.pdbx_database_id_PubMed   31361900 
_citation.unpublished_flag          ? 
# 
loop_
_citation_author.citation_id 
_citation_author.name 
_citation_author.ordinal 
_citation_author.identifier_ORCID 
primary 'Satange, R.'  1 ? 
primary 'Chuang, C.Y.' 2 ? 
primary 'Neidle, S.'   3 ? 
primary 'Hou, M.H.'    4 ? 
# 
loop_
_entity.id 
_entity.type 
_entity.src_method 
_entity.pdbx_description 
_entity.formula_weight 
_entity.pdbx_number_of_molecules 
_entity.pdbx_ec 
_entity.pdbx_mutation 
_entity.pdbx_fragment 
_entity.details 
1 polymer     syn 
;DNA (5'-D(P*TP*TP*GP*GP*CP*GP*AP*A)-3')
;
2466.641 1  ? ? ? ? 
2 polymer     syn 'Actinomycin D'                           1291.446 1  ? ? ? ? 
3 non-polymer syn 'SODIUM ION'                              22.990   1  ? ? ? ? 
4 water       nat water                                     18.015   57 ? ? ? ? 
# 
loop_
_entity_poly.entity_id 
_entity_poly.type 
_entity_poly.nstd_linkage 
_entity_poly.nstd_monomer 
_entity_poly.pdbx_seq_one_letter_code 
_entity_poly.pdbx_seq_one_letter_code_can 
_entity_poly.pdbx_strand_id 
_entity_poly.pdbx_target_identifier 
1 polydeoxyribonucleotide no no  '(DT)(DT)(DG)(DG)(DC)(DG)(DA)(DA)'        TTGGCGAA    A ? 
2 'polypeptide(L)'        no yes 'T(DVA)P(SAR)(MVA)(PXZ)T(DVA)P(SAR)(MVA)' TVPGVXTVPGV B ? 
# 
loop_
_pdbx_entity_nonpoly.entity_id 
_pdbx_entity_nonpoly.name 
_pdbx_entity_nonpoly.comp_id 
3 'SODIUM ION' NA  
4 water        HOH 
# 
loop_
_entity_poly_seq.entity_id 
_entity_poly_seq.num 
_entity_poly_seq.mon_id 
_entity_poly_seq.hetero 
1 1  DT  n 
1 2  DT  n 
1 3  DG  n 
1 4  DG  n 
1 5  DC  n 
1 6  DG  n 
1 7  DA  n 
1 8  DA  n 
2 1  THR n 
2 2  DVA n 
2 3  PRO n 
2 4  SAR n 
2 5  MVA n 
2 6  PXZ n 
2 7  THR n 
2 8  DVA n 
2 9  PRO n 
2 10 SAR n 
2 11 MVA n 
# 
loop_
_pdbx_entity_src_syn.entity_id 
_pdbx_entity_src_syn.pdbx_src_id 
_pdbx_entity_src_syn.pdbx_alt_source_flag 
_pdbx_entity_src_syn.pdbx_beg_seq_num 
_pdbx_entity_src_syn.pdbx_end_seq_num 
_pdbx_entity_src_syn.organism_scientific 
_pdbx_entity_src_syn.organism_common_name 
_pdbx_entity_src_syn.ncbi_taxonomy_id 
_pdbx_entity_src_syn.details 
1 1 sample 1 8  'synthetic construct' ? 32630 ? 
2 1 sample 1 11 'Streptomyces sp.'    ? 1931  ? 
# 
loop_
_chem_comp.id 
_chem_comp.type 
_chem_comp.mon_nstd_flag 
_chem_comp.name 
_chem_comp.pdbx_synonyms 
_chem_comp.formula 
_chem_comp.formula_weight 
DA  'DNA linking'       y "2'-DEOXYADENOSINE-5'-MONOPHOSPHATE"                            ?           'C10 H14 N5 O6 P' 331.222 
DC  'DNA linking'       y "2'-DEOXYCYTIDINE-5'-MONOPHOSPHATE"                             ?           'C9 H14 N3 O7 P'  307.197 
DG  'DNA linking'       y "2'-DEOXYGUANOSINE-5'-MONOPHOSPHATE"                            ?           'C10 H14 N5 O7 P' 347.221 
DT  'DNA linking'       y "THYMIDINE-5'-MONOPHOSPHATE"                                    ?           'C10 H15 N2 O8 P' 322.208 
DVA 'D-peptide linking' . D-VALINE                                                        ?           'C5 H11 N O2'     117.146 
HOH non-polymer         . WATER                                                           ?           'H2 O'            18.015  
MVA 'L-peptide linking' n N-METHYLVALINE                                                  ?           'C6 H13 N O2'     131.173 
NA  non-polymer         . 'SODIUM ION'                                                    ?           'Na 1'            22.990  
PRO 'L-peptide linking' y PROLINE                                                         ?           'C5 H9 N O2'      115.130 
PXZ non-polymer         . 2-AMINO-1,9-DICARBONYL-4,6-DIMETHYL-10-DEHYDRO-PHENOXAZIN-3-ONE PHENOXAZINE 'C16 H12 N2 O6'   328.276 
SAR 'peptide linking'   n SARCOSINE                                                       ?           'C3 H7 N O2'      89.093  
THR 'L-peptide linking' y THREONINE                                                       ?           'C4 H9 N O3'      119.119 
# 
loop_
_pdbx_poly_seq_scheme.asym_id 
_pdbx_poly_seq_scheme.entity_id 
_pdbx_poly_seq_scheme.seq_id 
_pdbx_poly_seq_scheme.mon_id 
_pdbx_poly_seq_scheme.ndb_seq_num 
_pdbx_poly_seq_scheme.pdb_seq_num 
_pdbx_poly_seq_scheme.auth_seq_num 
_pdbx_poly_seq_scheme.pdb_mon_id 
_pdbx_poly_seq_scheme.auth_mon_id 
_pdbx_poly_seq_scheme.pdb_strand_id 
_pdbx_poly_seq_scheme.pdb_ins_code 
_pdbx_poly_seq_scheme.hetero 
A 1 1  DT  1  1  1  DT  DT  A . n 
A 1 2  DT  2  2  2  DT  DT  A . n 
A 1 3  DG  3  3  3  DG  DG  A . n 
A 1 4  DG  4  4  4  DG  DG  A . n 
A 1 5  DC  5  5  5  DC  DC  A . n 
A 1 6  DG  6  6  6  DG  DG  A . n 
A 1 7  DA  7  7  7  DA  DA  A . n 
A 1 8  DA  8  8  8  DA  DA  A . n 
B 2 1  THR 1  1  1  THR THR B . n 
B 2 2  DVA 2  2  2  DVA DVA B . n 
B 2 3  PRO 3  3  3  PRO PRO B . n 
B 2 4  SAR 4  4  4  SAR SAR B . n 
B 2 5  MVA 5  5  5  MVA MVA B . n 
B 2 6  PXZ 6  6  6  PXZ PXZ B . n 
B 2 7  THR 7  7  7  THR THR B . n 
B 2 8  DVA 8  8  8  DVA DVA B . n 
B 2 9  PRO 9  9  9  PRO PRO B . n 
B 2 10 SAR 10 10 10 SAR SAR B . n 
B 2 11 MVA 11 11 11 MVA MVA B . n 
# 
loop_
_pdbx_nonpoly_scheme.asym_id 
_pdbx_nonpoly_scheme.entity_id 
_pdbx_nonpoly_scheme.mon_id 
_pdbx_nonpoly_scheme.ndb_seq_num 
_pdbx_nonpoly_scheme.pdb_seq_num 
_pdbx_nonpoly_scheme.auth_seq_num 
_pdbx_nonpoly_scheme.pdb_mon_id 
_pdbx_nonpoly_scheme.auth_mon_id 
_pdbx_nonpoly_scheme.pdb_strand_id 
_pdbx_nonpoly_scheme.pdb_ins_code 
C 3 NA  1  101 1   NA  NA  A . 
D 4 HOH 1  201 45  HOH HOH A . 
D 4 HOH 2  202 50  HOH HOH A . 
D 4 HOH 3  203 28  HOH HOH A . 
D 4 HOH 4  204 13  HOH HOH A . 
D 4 HOH 5  205 91  HOH HOH A . 
D 4 HOH 6  206 18  HOH HOH A . 
D 4 HOH 7  207 16  HOH HOH A . 
D 4 HOH 8  208 38  HOH HOH A . 
D 4 HOH 9  209 34  HOH HOH A . 
D 4 HOH 10 210 21  HOH HOH A . 
D 4 HOH 11 211 112 HOH HOH A . 
D 4 HOH 12 212 14  HOH HOH A . 
D 4 HOH 13 213 15  HOH HOH A . 
D 4 HOH 14 214 82  HOH HOH A . 
D 4 HOH 15 215 30  HOH HOH A . 
D 4 HOH 16 216 92  HOH HOH A . 
D 4 HOH 17 217 22  HOH HOH A . 
D 4 HOH 18 218 48  HOH HOH A . 
D 4 HOH 19 219 46  HOH HOH A . 
D 4 HOH 20 220 41  HOH HOH A . 
D 4 HOH 21 221 98  HOH HOH A . 
D 4 HOH 22 222 88  HOH HOH A . 
D 4 HOH 23 223 42  HOH HOH A . 
D 4 HOH 24 224 43  HOH HOH A . 
D 4 HOH 25 225 23  HOH HOH A . 
D 4 HOH 26 226 59  HOH HOH A . 
D 4 HOH 27 227 105 HOH HOH A . 
D 4 HOH 28 228 101 HOH HOH A . 
D 4 HOH 29 229 25  HOH HOH A . 
D 4 HOH 30 230 32  HOH HOH A . 
D 4 HOH 31 231 26  HOH HOH A . 
D 4 HOH 32 232 62  HOH HOH A . 
D 4 HOH 33 233 37  HOH HOH A . 
D 4 HOH 34 234 52  HOH HOH A . 
D 4 HOH 35 235 51  HOH HOH A . 
D 4 HOH 36 236 39  HOH HOH A . 
D 4 HOH 37 237 47  HOH HOH A . 
D 4 HOH 38 238 108 HOH HOH A . 
D 4 HOH 39 239 31  HOH HOH A . 
D 4 HOH 40 240 40  HOH HOH A . 
D 4 HOH 41 241 63  HOH HOH A . 
D 4 HOH 42 242 36  HOH HOH A . 
D 4 HOH 43 243 54  HOH HOH A . 
E 4 HOH 1  101 24  HOH HOH B . 
E 4 HOH 2  102 17  HOH HOH B . 
E 4 HOH 3  103 20  HOH HOH B . 
E 4 HOH 4  104 56  HOH HOH B . 
E 4 HOH 5  105 29  HOH HOH B . 
E 4 HOH 6  106 19  HOH HOH B . 
E 4 HOH 7  107 27  HOH HOH B . 
E 4 HOH 8  108 33  HOH HOH B . 
E 4 HOH 9  109 77  HOH HOH B . 
E 4 HOH 10 110 53  HOH HOH B . 
E 4 HOH 11 111 86  HOH HOH B . 
E 4 HOH 12 112 71  HOH HOH B . 
E 4 HOH 13 113 70  HOH HOH B . 
E 4 HOH 14 114 35  HOH HOH B . 
# 
loop_
_software.citation_id 
_software.classification 
_software.compiler_name 
_software.compiler_version 
_software.contact_author 
_software.contact_author_email 
_software.date 
_software.description 
_software.dependencies 
_software.hardware 
_software.language 
_software.location 
_software.mods 
_software.name 
_software.os 
_software.os_version 
_software.type 
_software.version 
_software.pdbx_ordinal 
? refinement        ? ? ? ? ? ? ? ? ? ? ? PHENIX      ? ? ? 1.10.1_2155 1 
? 'data scaling'    ? ? ? ? ? ? ? ? ? ? ? HKL-2000    ? ? ? .           2 
? 'data extraction' ? ? ? ? ? ? ? ? ? ? ? PDB_EXTRACT ? ? ? .           3 
? 'data reduction'  ? ? ? ? ? ? ? ? ? ? ? HKL-2000    ? ? ? .           4 
? phasing           ? ? ? ? ? ? ? ? ? ? ? PHENIX      ? ? ? 1.10.1_2155 5 
# 
_cell.angle_alpha                  90.000 
_cell.angle_alpha_esd              ? 
_cell.angle_beta                   90.000 
_cell.angle_beta_esd               ? 
_cell.angle_gamma                  90.000 
_cell.angle_gamma_esd              ? 
_cell.entry_id                     6J0H 
_cell.details                      ? 
_cell.formula_units_Z              ? 
_cell.length_a                     59.500 
_cell.length_a_esd                 ? 
_cell.length_b                     59.500 
_cell.length_b_esd                 ? 
_cell.length_c                     93.489 
_cell.length_c_esd                 ? 
_cell.volume                       ? 
_cell.volume_esd                   ? 
_cell.Z_PDB                        16 
_cell.reciprocal_angle_alpha       ? 
_cell.reciprocal_angle_beta        ? 
_cell.reciprocal_angle_gamma       ? 
_cell.reciprocal_angle_alpha_esd   ? 
_cell.reciprocal_angle_beta_esd    ? 
_cell.reciprocal_angle_gamma_esd   ? 
_cell.reciprocal_length_a          ? 
_cell.reciprocal_length_b          ? 
_cell.reciprocal_length_c          ? 
_cell.reciprocal_length_a_esd      ? 
_cell.reciprocal_length_b_esd      ? 
_cell.reciprocal_length_c_esd      ? 
_cell.pdbx_unique_axis             ? 
# 
_symmetry.entry_id                         6J0H 
_symmetry.cell_setting                     ? 
_symmetry.Int_Tables_number                98 
_symmetry.space_group_name_Hall            ? 
_symmetry.space_group_name_H-M             'I 41 2 2' 
_symmetry.pdbx_full_space_group_name_H-M   ? 
# 
_exptl.absorpt_coefficient_mu     ? 
_exptl.absorpt_correction_T_max   ? 
_exptl.absorpt_correction_T_min   ? 
_exptl.absorpt_correction_type    ? 
_exptl.absorpt_process_details    ? 
_exptl.entry_id                   6J0H 
_exptl.crystals_number            1 
_exptl.details                    ? 
_exptl.method                     'X-RAY DIFFRACTION' 
_exptl.method_details             ? 
# 
_exptl_crystal.colour                      ? 
_exptl_crystal.density_diffrn              ? 
_exptl_crystal.density_Matthews            5.55 
_exptl_crystal.density_method              ? 
_exptl_crystal.density_percent_sol         77.84 
_exptl_crystal.description                 ? 
_exptl_crystal.F_000                       ? 
_exptl_crystal.id                          1 
_exptl_crystal.preparation                 ? 
_exptl_crystal.size_max                    ? 
_exptl_crystal.size_mid                    ? 
_exptl_crystal.size_min                    ? 
_exptl_crystal.size_rad                    ? 
_exptl_crystal.colour_lustre               ? 
_exptl_crystal.colour_modifier             ? 
_exptl_crystal.colour_primary              ? 
_exptl_crystal.density_meas                ? 
_exptl_crystal.density_meas_esd            ? 
_exptl_crystal.density_meas_gt             ? 
_exptl_crystal.density_meas_lt             ? 
_exptl_crystal.density_meas_temp           ? 
_exptl_crystal.density_meas_temp_esd       ? 
_exptl_crystal.density_meas_temp_gt        ? 
_exptl_crystal.density_meas_temp_lt        ? 
_exptl_crystal.pdbx_crystal_image_url      ? 
_exptl_crystal.pdbx_crystal_image_format   ? 
_exptl_crystal.pdbx_mosaicity              ? 
_exptl_crystal.pdbx_mosaicity_esd          ? 
# 
_exptl_crystal_grow.apparatus       ? 
_exptl_crystal_grow.atmosphere      ? 
_exptl_crystal_grow.crystal_id      1 
_exptl_crystal_grow.details         ? 
_exptl_crystal_grow.method          'VAPOR DIFFUSION, SITTING DROP' 
_exptl_crystal_grow.method_ref      ? 
_exptl_crystal_grow.pH              6.5 
_exptl_crystal_grow.pressure        ? 
_exptl_crystal_grow.pressure_esd    ? 
_exptl_crystal_grow.seeding         ? 
_exptl_crystal_grow.seeding_ref     ? 
_exptl_crystal_grow.temp            277.15 
_exptl_crystal_grow.temp_details    ? 
_exptl_crystal_grow.temp_esd        ? 
_exptl_crystal_grow.time            ? 
_exptl_crystal_grow.pdbx_details    '1.5M Sodium malonate, 100mM lithium chloride, 10mM Manganese(II) chloride, 10mM MES (pH 6.5)' 
_exptl_crystal_grow.pdbx_pH_range   ? 
# 
_diffrn.ambient_environment              ? 
_diffrn.ambient_temp                     100 
_diffrn.ambient_temp_details             ? 
_diffrn.ambient_temp_esd                 ? 
_diffrn.crystal_id                       1 
_diffrn.crystal_support                  ? 
_diffrn.crystal_treatment                ? 
_diffrn.details                          ? 
_diffrn.id                               1 
_diffrn.ambient_pressure                 ? 
_diffrn.ambient_pressure_esd             ? 
_diffrn.ambient_pressure_gt              ? 
_diffrn.ambient_pressure_lt              ? 
_diffrn.ambient_temp_gt                  ? 
_diffrn.ambient_temp_lt                  ? 
_diffrn.pdbx_serial_crystal_experiment   N 
# 
_diffrn_detector.details                      ? 
_diffrn_detector.detector                     CCD 
_diffrn_detector.diffrn_id                    1 
_diffrn_detector.type                         'Bruker DIP-6040' 
_diffrn_detector.area_resol_mean              ? 
_diffrn_detector.dtime                        ? 
_diffrn_detector.pdbx_frames_total            ? 
_diffrn_detector.pdbx_collection_time_total   ? 
_diffrn_detector.pdbx_collection_date         2017-12-04 
_diffrn_detector.pdbx_frequency               ? 
# 
_diffrn_radiation.collimation                      ? 
_diffrn_radiation.diffrn_id                        1 
_diffrn_radiation.filter_edge                      ? 
_diffrn_radiation.inhomogeneity                    ? 
_diffrn_radiation.monochromator                    ? 
_diffrn_radiation.polarisn_norm                    ? 
_diffrn_radiation.polarisn_ratio                   ? 
_diffrn_radiation.probe                            ? 
_diffrn_radiation.type                             ? 
_diffrn_radiation.xray_symbol                      ? 
_diffrn_radiation.wavelength_id                    1 
_diffrn_radiation.pdbx_monochromatic_or_laue_m_l   M 
_diffrn_radiation.pdbx_wavelength_list             ? 
_diffrn_radiation.pdbx_wavelength                  ? 
_diffrn_radiation.pdbx_diffrn_protocol             'SINGLE WAVELENGTH' 
_diffrn_radiation.pdbx_analyzer                    ? 
_diffrn_radiation.pdbx_scattering_type             x-ray 
# 
_diffrn_radiation_wavelength.id           1 
_diffrn_radiation_wavelength.wavelength   0.90000 
_diffrn_radiation_wavelength.wt           1.0 
# 
_diffrn_source.current                     ? 
_diffrn_source.details                     ? 
_diffrn_source.diffrn_id                   1 
_diffrn_source.power                       ? 
_diffrn_source.size                        ? 
_diffrn_source.source                      SYNCHROTRON 
_diffrn_source.target                      ? 
_diffrn_source.type                        'SPRING-8 BEAMLINE BL44XU' 
_diffrn_source.voltage                     ? 
_diffrn_source.take-off_angle              ? 
_diffrn_source.pdbx_wavelength_list        0.90000 
_diffrn_source.pdbx_wavelength             ? 
_diffrn_source.pdbx_synchrotron_beamline   BL44XU 
_diffrn_source.pdbx_synchrotron_site       SPring-8 
# 
_reflns.B_iso_Wilson_estimate            21.640 
_reflns.entry_id                         6J0H 
_reflns.data_reduction_details           ? 
_reflns.data_reduction_method            ? 
_reflns.d_resolution_high                1.520 
_reflns.d_resolution_low                 30.000 
_reflns.details                          ? 
_reflns.limit_h_max                      ? 
_reflns.limit_h_min                      ? 
_reflns.limit_k_max                      ? 
_reflns.limit_k_min                      ? 
_reflns.limit_l_max                      ? 
_reflns.limit_l_min                      ? 
_reflns.number_all                       ? 
_reflns.number_obs                       13248 
_reflns.observed_criterion               ? 
_reflns.observed_criterion_F_max         ? 
_reflns.observed_criterion_F_min         ? 
_reflns.observed_criterion_I_max         ? 
_reflns.observed_criterion_I_min         ? 
_reflns.observed_criterion_sigma_F       ? 
_reflns.observed_criterion_sigma_I       ? 
_reflns.percent_possible_obs             99.800 
_reflns.R_free_details                   ? 
_reflns.Rmerge_F_all                     ? 
_reflns.Rmerge_F_obs                     ? 
_reflns.Friedel_coverage                 ? 
_reflns.number_gt                        ? 
_reflns.threshold_expression             ? 
_reflns.pdbx_redundancy                  13.000 
_reflns.pdbx_Rmerge_I_obs                0.116 
_reflns.pdbx_Rmerge_I_all                ? 
_reflns.pdbx_Rsym_value                  ? 
_reflns.pdbx_netI_over_av_sigmaI         ? 
_reflns.pdbx_netI_over_sigmaI            8.500 
_reflns.pdbx_res_netI_over_av_sigmaI_2   ? 
_reflns.pdbx_res_netI_over_sigmaI_2      ? 
_reflns.pdbx_chi_squared                 1.060 
_reflns.pdbx_scaling_rejects             ? 
_reflns.pdbx_d_res_high_opt              ? 
_reflns.pdbx_d_res_low_opt               ? 
_reflns.pdbx_d_res_opt_method            ? 
_reflns.phase_calculation_details        ? 
_reflns.pdbx_Rrim_I_all                  0.121 
_reflns.pdbx_Rpim_I_all                  0.035 
_reflns.pdbx_d_opt                       ? 
_reflns.pdbx_number_measured_all         172564 
_reflns.pdbx_diffrn_id                   1 
_reflns.pdbx_ordinal                     1 
_reflns.pdbx_CC_half                     ? 
_reflns.pdbx_R_split                     ? 
# 
loop_
_reflns_shell.d_res_high 
_reflns_shell.d_res_low 
_reflns_shell.meanI_over_sigI_all 
_reflns_shell.meanI_over_sigI_obs 
_reflns_shell.number_measured_all 
_reflns_shell.number_measured_obs 
_reflns_shell.number_possible 
_reflns_shell.number_unique_all 
_reflns_shell.number_unique_obs 
_reflns_shell.percent_possible_all 
_reflns_shell.percent_possible_obs 
_reflns_shell.Rmerge_F_all 
_reflns_shell.Rmerge_F_obs 
_reflns_shell.Rmerge_I_all 
_reflns_shell.Rmerge_I_obs 
_reflns_shell.meanI_over_sigI_gt 
_reflns_shell.meanI_over_uI_all 
_reflns_shell.meanI_over_uI_gt 
_reflns_shell.number_measured_gt 
_reflns_shell.number_unique_gt 
_reflns_shell.percent_possible_gt 
_reflns_shell.Rmerge_F_gt 
_reflns_shell.Rmerge_I_gt 
_reflns_shell.pdbx_redundancy 
_reflns_shell.pdbx_Rsym_value 
_reflns_shell.pdbx_chi_squared 
_reflns_shell.pdbx_netI_over_sigmaI_all 
_reflns_shell.pdbx_netI_over_sigmaI_obs 
_reflns_shell.pdbx_Rrim_I_all 
_reflns_shell.pdbx_Rpim_I_all 
_reflns_shell.pdbx_rejects 
_reflns_shell.pdbx_ordinal 
_reflns_shell.pdbx_diffrn_id 
_reflns_shell.pdbx_CC_half 
_reflns_shell.pdbx_R_split 
1.520 1.570  ? ? ? ? ? ? 1298 100.000 ? ? ? ? 2.680 ? ? ? ? ? ? ? ? 12.200 ? 1.097 ? ? 2.796 0.790 ? 1  1 0.762 ? 
1.570 1.640  ? ? ? ? ? ? 1295 100.000 ? ? ? ? 1.739 ? ? ? ? ? ? ? ? 13.500 ? 1.094 ? ? 1.807 0.489 ? 2  1 0.899 ? 
1.640 1.710  ? ? ? ? ? ? 1299 100.000 ? ? ? ? 1.054 ? ? ? ? ? ? ? ? 14.100 ? 1.074 ? ? 1.094 0.290 ? 3  1 0.966 ? 
1.710 1.800  ? ? ? ? ? ? 1311 100.000 ? ? ? ? 0.901 ? ? ? ? ? ? ? ? 14.200 ? 1.075 ? ? 0.935 0.247 ? 4  1 0.963 ? 
1.800 1.910  ? ? ? ? ? ? 1313 100.000 ? ? ? ? 0.554 ? ? ? ? ? ? ? ? 14.100 ? 1.035 ? ? 0.575 0.153 ? 5  1 0.981 ? 
1.910 2.060  ? ? ? ? ? ? 1306 100.000 ? ? ? ? 0.311 ? ? ? ? ? ? ? ? 13.800 ? 1.079 ? ? 0.324 0.087 ? 6  1 0.992 ? 
2.060 2.270  ? ? ? ? ? ? 1321 100.000 ? ? ? ? 0.192 ? ? ? ? ? ? ? ? 13.700 ? 1.086 ? ? 0.200 0.054 ? 7  1 0.995 ? 
2.270 2.600  ? ? ? ? ? ? 1340 100.000 ? ? ? ? 0.131 ? ? ? ? ? ? ? ? 13.200 ? 1.042 ? ? 0.136 0.038 ? 8  1 0.996 ? 
2.600 3.270  ? ? ? ? ? ? 1353 100.000 ? ? ? ? 0.065 ? ? ? ? ? ? ? ? 12.800 ? 1.011 ? ? 0.068 0.020 ? 9  1 0.998 ? 
3.270 30.000 ? ? ? ? ? ? 1412 98.000  ? ? ? ? 0.042 ? ? ? ? ? ? ? ? 8.900  ? 0.984 ? ? 0.045 0.015 ? 10 1 0.999 ? 
# 
_refine.aniso_B[1][1]                            ? 
_refine.aniso_B[1][2]                            ? 
_refine.aniso_B[1][3]                            ? 
_refine.aniso_B[2][2]                            ? 
_refine.aniso_B[2][3]                            ? 
_refine.aniso_B[3][3]                            ? 
_refine.B_iso_max                                108.380 
_refine.B_iso_mean                               32.4932 
_refine.B_iso_min                                17.360 
_refine.correlation_coeff_Fo_to_Fc               ? 
_refine.correlation_coeff_Fo_to_Fc_free          ? 
_refine.details                                  ? 
_refine.diff_density_max                         ? 
_refine.diff_density_max_esd                     ? 
_refine.diff_density_min                         ? 
_refine.diff_density_min_esd                     ? 
_refine.diff_density_rms                         ? 
_refine.diff_density_rms_esd                     ? 
_refine.entry_id                                 6J0H 
_refine.pdbx_refine_id                           'X-RAY DIFFRACTION' 
_refine.ls_abs_structure_details                 ? 
_refine.ls_abs_structure_Flack                   ? 
_refine.ls_abs_structure_Flack_esd               ? 
_refine.ls_abs_structure_Rogers                  ? 
_refine.ls_abs_structure_Rogers_esd              ? 
_refine.ls_d_res_high                            1.5200 
_refine.ls_d_res_low                             27.6060 
_refine.ls_extinction_coef                       ? 
_refine.ls_extinction_coef_esd                   ? 
_refine.ls_extinction_expression                 ? 
_refine.ls_extinction_method                     ? 
_refine.ls_goodness_of_fit_all                   ? 
_refine.ls_goodness_of_fit_all_esd               ? 
_refine.ls_goodness_of_fit_obs                   ? 
_refine.ls_goodness_of_fit_obs_esd               ? 
_refine.ls_hydrogen_treatment                    ? 
_refine.ls_matrix_type                           ? 
_refine.ls_number_constraints                    ? 
_refine.ls_number_parameters                     ? 
_refine.ls_number_reflns_all                     ? 
_refine.ls_number_reflns_obs                     13233 
_refine.ls_number_reflns_R_free                  1324 
_refine.ls_number_reflns_R_work                  11909 
_refine.ls_number_restraints                     ? 
_refine.ls_percent_reflns_obs                    99.4800 
_refine.ls_percent_reflns_R_free                 10.0100 
_refine.ls_R_factor_all                          ? 
_refine.ls_R_factor_obs                          0.2098 
_refine.ls_R_factor_R_free                       0.2158 
_refine.ls_R_factor_R_free_error                 ? 
_refine.ls_R_factor_R_free_error_details         ? 
_refine.ls_R_factor_R_work                       0.2091 
_refine.ls_R_Fsqd_factor_obs                     ? 
_refine.ls_R_I_factor_obs                        ? 
_refine.ls_redundancy_reflns_all                 ? 
_refine.ls_redundancy_reflns_obs                 ? 
_refine.ls_restrained_S_all                      ? 
_refine.ls_restrained_S_obs                      ? 
_refine.ls_shift_over_esd_max                    ? 
_refine.ls_shift_over_esd_mean                   ? 
_refine.ls_structure_factor_coef                 ? 
_refine.ls_weighting_details                     ? 
_refine.ls_weighting_scheme                      ? 
_refine.ls_wR_factor_all                         ? 
_refine.ls_wR_factor_obs                         ? 
_refine.ls_wR_factor_R_free                      ? 
_refine.ls_wR_factor_R_work                      ? 
_refine.occupancy_max                            ? 
_refine.occupancy_min                            ? 
_refine.solvent_model_details                    'FLAT BULK SOLVENT MODEL' 
_refine.solvent_model_param_bsol                 ? 
_refine.solvent_model_param_ksol                 ? 
_refine.ls_R_factor_gt                           ? 
_refine.ls_goodness_of_fit_gt                    ? 
_refine.ls_goodness_of_fit_ref                   ? 
_refine.ls_shift_over_su_max                     ? 
_refine.ls_shift_over_su_max_lt                  ? 
_refine.ls_shift_over_su_mean                    ? 
_refine.ls_shift_over_su_mean_lt                 ? 
_refine.pdbx_ls_sigma_I                          ? 
_refine.pdbx_ls_sigma_F                          1.350 
_refine.pdbx_ls_sigma_Fsqd                       ? 
_refine.pdbx_data_cutoff_high_absF               ? 
_refine.pdbx_data_cutoff_high_rms_absF           ? 
_refine.pdbx_data_cutoff_low_absF                ? 
_refine.pdbx_isotropic_thermal_model             ? 
_refine.pdbx_ls_cross_valid_method               THROUGHOUT 
_refine.pdbx_method_to_determine_struct          SAD 
_refine.pdbx_starting_model                      ? 
_refine.pdbx_stereochemistry_target_values       ML 
_refine.pdbx_R_Free_selection_details            ? 
_refine.pdbx_stereochem_target_val_spec_case     ? 
_refine.pdbx_overall_ESU_R                       ? 
_refine.pdbx_overall_ESU_R_Free                  ? 
_refine.pdbx_solvent_vdw_probe_radii             1.1100 
_refine.pdbx_solvent_ion_probe_radii             ? 
_refine.pdbx_solvent_shrinkage_radii             0.9000 
_refine.pdbx_real_space_R                        ? 
_refine.pdbx_density_correlation                 ? 
_refine.pdbx_pd_number_of_powder_patterns        ? 
_refine.pdbx_pd_number_of_points                 ? 
_refine.pdbx_pd_meas_number_of_points            ? 
_refine.pdbx_pd_proc_ls_prof_R_factor            ? 
_refine.pdbx_pd_proc_ls_prof_wR_factor           ? 
_refine.pdbx_pd_Marquardt_correlation_coeff      ? 
_refine.pdbx_pd_Fsqrd_R_factor                   ? 
_refine.pdbx_pd_ls_matrix_band_width             ? 
_refine.pdbx_overall_phase_error                 23.1800 
_refine.pdbx_overall_SU_R_free_Cruickshank_DPI   ? 
_refine.pdbx_overall_SU_R_free_Blow_DPI          ? 
_refine.pdbx_overall_SU_R_Blow_DPI               ? 
_refine.pdbx_TLS_residual_ADP_flag               ? 
_refine.pdbx_diffrn_id                           1 
_refine.overall_SU_B                             ? 
_refine.overall_SU_ML                            0.1500 
_refine.overall_SU_R_Cruickshank_DPI             ? 
_refine.overall_SU_R_free                        ? 
_refine.overall_FOM_free_R_set                   ? 
_refine.overall_FOM_work_R_set                   ? 
_refine.pdbx_average_fsc_overall                 ? 
_refine.pdbx_average_fsc_work                    ? 
_refine.pdbx_average_fsc_free                    ? 
# 
_refine_hist.cycle_id                         final 
_refine_hist.pdbx_refine_id                   'X-RAY DIFFRACTION' 
_refine_hist.d_res_high                       1.5200 
_refine_hist.d_res_low                        27.6060 
_refine_hist.pdbx_number_atoms_ligand         1 
_refine_hist.number_atoms_solvent             58 
_refine_hist.number_atoms_total               316 
_refine_hist.pdbx_number_residues_total       19 
_refine_hist.pdbx_B_iso_mean_ligand           40.39 
_refine_hist.pdbx_B_iso_mean_solvent          45.83 
_refine_hist.pdbx_number_atoms_protein        90 
_refine_hist.pdbx_number_atoms_nucleic_acid   167 
# 
loop_
_refine_ls_restr.pdbx_refine_id 
_refine_ls_restr.criterion 
_refine_ls_restr.dev_ideal 
_refine_ls_restr.dev_ideal_target 
_refine_ls_restr.number 
_refine_ls_restr.rejects 
_refine_ls_restr.type 
_refine_ls_restr.weight 
_refine_ls_restr.pdbx_restraint_function 
'X-RAY DIFFRACTION' ? 0.043  ? 279 ? f_bond_d           ? ? 
'X-RAY DIFFRACTION' ? 2.868  ? 419 ? f_angle_d          ? ? 
'X-RAY DIFFRACTION' ? 0.279  ? 44  ? f_chiral_restr     ? ? 
'X-RAY DIFFRACTION' ? 0.018  ? 23  ? f_plane_restr      ? ? 
'X-RAY DIFFRACTION' ? 36.597 ? 97  ? f_dihedral_angle_d ? ? 
# 
loop_
_refine_ls_shell.pdbx_refine_id 
_refine_ls_shell.d_res_high 
_refine_ls_shell.d_res_low 
_refine_ls_shell.number_reflns_all 
_refine_ls_shell.number_reflns_obs 
_refine_ls_shell.number_reflns_R_free 
_refine_ls_shell.number_reflns_R_work 
_refine_ls_shell.percent_reflns_obs 
_refine_ls_shell.percent_reflns_R_free 
_refine_ls_shell.R_factor_all 
_refine_ls_shell.R_factor_obs 
_refine_ls_shell.R_factor_R_free 
_refine_ls_shell.R_factor_R_free_error 
_refine_ls_shell.R_factor_R_work 
_refine_ls_shell.redundancy_reflns_all 
_refine_ls_shell.redundancy_reflns_obs 
_refine_ls_shell.wR_factor_all 
_refine_ls_shell.wR_factor_obs 
_refine_ls_shell.wR_factor_R_free 
_refine_ls_shell.wR_factor_R_work 
_refine_ls_shell.pdbx_total_number_of_bins_used 
_refine_ls_shell.pdbx_phase_error 
_refine_ls_shell.pdbx_fsc_work 
_refine_ls_shell.pdbx_fsc_free 
'X-RAY DIFFRACTION' 1.5199 1.5807  1407 . 140 1267 97.0000  . . . 0.3020 0.0000 0.2887 . . . . . . 9 . . . 
'X-RAY DIFFRACTION' 1.5807 1.6526  1452 . 146 1306 100.0000 . . . 0.2645 0.0000 0.2391 . . . . . . 9 . . . 
'X-RAY DIFFRACTION' 1.6526 1.7398  1442 . 144 1298 100.0000 . . . 0.2797 0.0000 0.2357 . . . . . . 9 . . . 
'X-RAY DIFFRACTION' 1.7398 1.8487  1464 . 147 1317 100.0000 . . . 0.2598 0.0000 0.2509 . . . . . . 9 . . . 
'X-RAY DIFFRACTION' 1.8487 1.9914  1448 . 144 1304 100.0000 . . . 0.2781 0.0000 0.2466 . . . . . . 9 . . . 
'X-RAY DIFFRACTION' 1.9914 2.1918  1474 . 148 1326 100.0000 . . . 0.2282 0.0000 0.2437 . . . . . . 9 . . . 
'X-RAY DIFFRACTION' 2.1918 2.5087  1478 . 147 1331 100.0000 . . . 0.2685 0.0000 0.2472 . . . . . . 9 . . . 
'X-RAY DIFFRACTION' 2.5087 3.1600  1503 . 151 1352 100.0000 . . . 0.2550 0.0000 0.2348 . . . . . . 9 . . . 
'X-RAY DIFFRACTION' 3.1600 27.6104 1565 . 157 1408 98.0000  . . . 0.1539 0.0000 0.1589 . . . . . . 9 . . . 
# 
_struct.entry_id                     6J0H 
_struct.title                        'Crystal structure of Actinomycin D- d(TTGGCGAA) complex' 
_struct.pdbx_model_details           ? 
_struct.pdbx_formula_weight          ? 
_struct.pdbx_formula_weight_method   ? 
_struct.pdbx_model_type_details      ? 
_struct.pdbx_CASP_flag               N 
# 
_struct_keywords.entry_id        6J0H 
_struct_keywords.text            'Mismatch DNA, Actinomycin D, Drug-DNA complex, Base flip out, DNA kink, DNA-ANTIBIOTIC complex' 
_struct_keywords.pdbx_keywords   DNA/ANTIBIOTIC 
# 
loop_
_struct_asym.id 
_struct_asym.pdbx_blank_PDB_chainid_flag 
_struct_asym.pdbx_modified 
_struct_asym.entity_id 
_struct_asym.details 
A N N 1 ? 
B N N 2 ? 
C N N 3 ? 
D N N 4 ? 
E N N 4 ? 
# 
loop_
_struct_ref.id 
_struct_ref.db_name 
_struct_ref.db_code 
_struct_ref.pdbx_db_accession 
_struct_ref.pdbx_db_isoform 
_struct_ref.entity_id 
_struct_ref.pdbx_seq_one_letter_code 
_struct_ref.pdbx_align_begin 
1 PDB 6J0H 6J0H ? 1 ? 1 
2 PDB 6J0H 6J0H ? 2 ? 1 
# 
loop_
_struct_ref_seq.align_id 
_struct_ref_seq.ref_id 
_struct_ref_seq.pdbx_PDB_id_code 
_struct_ref_seq.pdbx_strand_id 
_struct_ref_seq.seq_align_beg 
_struct_ref_seq.pdbx_seq_align_beg_ins_code 
_struct_ref_seq.seq_align_end 
_struct_ref_seq.pdbx_seq_align_end_ins_code 
_struct_ref_seq.pdbx_db_accession 
_struct_ref_seq.db_align_beg 
_struct_ref_seq.pdbx_db_align_beg_ins_code 
_struct_ref_seq.db_align_end 
_struct_ref_seq.pdbx_db_align_end_ins_code 
_struct_ref_seq.pdbx_auth_seq_align_beg 
_struct_ref_seq.pdbx_auth_seq_align_end 
1 1 6J0H A 1 ? 8  ? 6J0H 1 ? 8  ? 1 8  
2 2 6J0H B 1 ? 11 ? 6J0H 1 ? 11 ? 1 11 
# 
_pdbx_struct_assembly.id                   1 
_pdbx_struct_assembly.details              author_defined_assembly 
_pdbx_struct_assembly.method_details       ? 
_pdbx_struct_assembly.oligomeric_details   tetrameric 
_pdbx_struct_assembly.oligomeric_count     4 
# 
loop_
_pdbx_struct_assembly_gen.assembly_id 
_pdbx_struct_assembly_gen.oper_expression 
_pdbx_struct_assembly_gen.asym_id_list 
1 1 A,B,C,D,E 
1 2 A,B,C,D,E 
# 
_pdbx_struct_assembly_auth_evidence.id                     1 
_pdbx_struct_assembly_auth_evidence.assembly_id            1 
_pdbx_struct_assembly_auth_evidence.experimental_support   none 
_pdbx_struct_assembly_auth_evidence.details                ? 
# 
loop_
_pdbx_struct_oper_list.id 
_pdbx_struct_oper_list.type 
_pdbx_struct_oper_list.name 
_pdbx_struct_oper_list.symmetry_operation 
_pdbx_struct_oper_list.matrix[1][1] 
_pdbx_struct_oper_list.matrix[1][2] 
_pdbx_struct_oper_list.matrix[1][3] 
_pdbx_struct_oper_list.vector[1] 
_pdbx_struct_oper_list.matrix[2][1] 
_pdbx_struct_oper_list.matrix[2][2] 
_pdbx_struct_oper_list.matrix[2][3] 
_pdbx_struct_oper_list.vector[2] 
_pdbx_struct_oper_list.matrix[3][1] 
_pdbx_struct_oper_list.matrix[3][2] 
_pdbx_struct_oper_list.matrix[3][3] 
_pdbx_struct_oper_list.vector[3] 
1 'identity operation'         1_555 x,y,z           1.0000000000  0.0000000000  0.0000000000 0.0000000000  0.0000000000  1.0000000000  0.0000000000  0.0000000000   0.0000000000 0.0000000000  1.0000000000 0.0000000000   
2 'crystal symmetry operation' 6_545 x,-y-1/2,-z+1/4 -0.7711714712 -0.4098358425 0.4871643914 -0.7386749544 -0.4098358425 -0.2659769363 -0.8725198288 -13.2511521252 0.4871643914 -0.8725198288 0.0371484075 -10.8008041733 
# 
loop_
_struct_conn.id 
_struct_conn.conn_type_id 
_struct_conn.pdbx_leaving_atom_flag 
_struct_conn.pdbx_PDB_id 
_struct_conn.ptnr1_label_asym_id 
_struct_conn.ptnr1_label_comp_id 
_struct_conn.ptnr1_label_seq_id 
_struct_conn.ptnr1_label_atom_id 
_struct_conn.pdbx_ptnr1_label_alt_id 
_struct_conn.pdbx_ptnr1_PDB_ins_code 
_struct_conn.pdbx_ptnr1_standard_comp_id 
_struct_conn.ptnr1_symmetry 
_struct_conn.ptnr2_label_asym_id 
_struct_conn.ptnr2_label_comp_id 
_struct_conn.ptnr2_label_seq_id 
_struct_conn.ptnr2_label_atom_id 
_struct_conn.pdbx_ptnr2_label_alt_id 
_struct_conn.pdbx_ptnr2_PDB_ins_code 
_struct_conn.ptnr1_auth_asym_id 
_struct_conn.ptnr1_auth_comp_id 
_struct_conn.ptnr1_auth_seq_id 
_struct_conn.ptnr2_auth_asym_id 
_struct_conn.ptnr2_auth_comp_id 
_struct_conn.ptnr2_auth_seq_id 
_struct_conn.ptnr2_symmetry 
_struct_conn.pdbx_ptnr3_label_atom_id 
_struct_conn.pdbx_ptnr3_label_seq_id 
_struct_conn.pdbx_ptnr3_label_comp_id 
_struct_conn.pdbx_ptnr3_label_asym_id 
_struct_conn.pdbx_ptnr3_label_alt_id 
_struct_conn.pdbx_ptnr3_PDB_ins_code 
_struct_conn.details 
_struct_conn.pdbx_dist_value 
_struct_conn.pdbx_value_order 
_struct_conn.pdbx_role 
covale1  covale both ? B THR 1  C     ? ? ? 1_555 B DVA 2  N  ? ? B THR 1   B DVA 2   1_555 ? ? ? ? ? ? ?            1.317 ?    ? 
covale2  covale one  ? B THR 1  OG1   ? ? ? 1_555 B MVA 5  C  ? ? B THR 1   B MVA 5   1_555 ? ? ? ? ? ? ?            1.116 ?    ? 
covale3  covale both ? B THR 1  N     ? ? ? 1_555 B PXZ 6  C0 ? ? B THR 1   B PXZ 6   1_555 ? ? ? ? ? ? ?            1.236 ?    ? 
covale4  covale both ? B DVA 2  C     ? ? ? 1_555 B PRO 3  N  ? ? B DVA 2   B PRO 3   1_555 ? ? ? ? ? ? ?            1.316 ?    ? 
covale5  covale both ? B PRO 3  C     ? ? ? 1_555 B SAR 4  N  ? ? B PRO 3   B SAR 4   1_555 ? ? ? ? ? ? ?            1.317 ?    ? 
covale6  covale both ? B SAR 4  C     ? ? ? 1_555 B MVA 5  N  ? ? B SAR 4   B MVA 5   1_555 ? ? ? ? ? ? ?            1.193 sing ? 
covale7  covale both ? B PXZ 6  "C0'" ? ? ? 1_555 B THR 7  N  ? ? B PXZ 6   B THR 7   1_555 ? ? ? ? ? ? ?            1.329 ?    ? 
covale8  covale both ? B THR 7  C     ? ? ? 1_555 B DVA 8  N  ? ? B THR 7   B DVA 8   1_555 ? ? ? ? ? ? ?            1.307 ?    ? 
covale9  covale one  ? B THR 7  OG1   ? ? ? 1_555 B MVA 11 C  ? ? B THR 7   B MVA 11  1_555 ? ? ? ? ? ? ?            1.265 ?    ? 
covale10 covale both ? B DVA 8  C     ? ? ? 1_555 B PRO 9  N  ? ? B DVA 8   B PRO 9   1_555 ? ? ? ? ? ? ?            1.315 ?    ? 
covale11 covale both ? B PRO 9  C     ? ? ? 1_555 B SAR 10 N  ? ? B PRO 9   B SAR 10  1_555 ? ? ? ? ? ? ?            1.314 ?    ? 
covale12 covale both ? B SAR 10 C     ? ? ? 1_555 B MVA 11 N  ? ? B SAR 10  B MVA 11  1_555 ? ? ? ? ? ? ?            1.277 ?    ? 
metalc1  metalc ?    ? A DT  1  O4    ? ? ? 1_555 C NA  .  NA ? ? A DT  1   A NA  101 1_555 ? ? ? ? ? ? ?            2.681 ?    ? 
metalc2  metalc ?    ? A DT  1  O4    ? ? ? 1_555 C NA  .  NA ? ? A DT  1   A NA  101 7_545 ? ? ? ? ? ? ?            2.681 ?    ? 
metalc3  metalc ?    ? C NA  .  NA    ? ? ? 1_555 D HOH .  O  ? ? A NA  101 A HOH 206 1_555 ? ? ? ? ? ? ?            3.138 ?    ? 
metalc4  metalc ?    ? C NA  .  NA    ? ? ? 1_555 D HOH .  O  ? ? A NA  101 A HOH 206 7_545 ? ? ? ? ? ? ?            3.139 ?    ? 
metalc5  metalc ?    ? C NA  .  NA    ? ? ? 1_555 D HOH .  O  ? ? A NA  101 A HOH 242 1_555 ? ? ? ? ? ? ?            2.642 ?    ? 
metalc6  metalc ?    ? C NA  .  NA    ? ? ? 1_555 D HOH .  O  ? ? A NA  101 A HOH 242 7_545 ? ? ? ? ? ? ?            2.642 ?    ? 
hydrog1  hydrog ?    ? A DT  2  N3    ? ? ? 1_555 A DA  8  N1 ? ? A DT  2   A DA  8   6_545 ? ? ? ? ? ? WATSON-CRICK ?     ?    ? 
hydrog2  hydrog ?    ? A DT  2  O4    ? ? ? 1_555 A DA  8  N6 ? ? A DT  2   A DA  8   6_545 ? ? ? ? ? ? WATSON-CRICK ?     ?    ? 
hydrog3  hydrog ?    ? A DG  3  N1    ? ? ? 1_555 A DA  7  N7 ? ? A DG  3   A DA  7   6_545 ? ? ? ? ? ? TYPE_9_PAIR  ?     ?    ? 
hydrog4  hydrog ?    ? A DG  3  O6    ? ? ? 1_555 A DA  7  N6 ? ? A DG  3   A DA  7   6_545 ? ? ? ? ? ? TYPE_9_PAIR  ?     ?    ? 
hydrog5  hydrog ?    ? A DC  5  N3    ? ? ? 1_555 A DG  6  N1 ? ? A DC  5   A DG  6   6_545 ? ? ? ? ? ? WATSON-CRICK ?     ?    ? 
hydrog6  hydrog ?    ? A DC  5  N4    ? ? ? 1_555 A DG  6  O6 ? ? A DC  5   A DG  6   6_545 ? ? ? ? ? ? WATSON-CRICK ?     ?    ? 
hydrog7  hydrog ?    ? A DC  5  O2    ? ? ? 1_555 A DG  6  N2 ? ? A DC  5   A DG  6   6_545 ? ? ? ? ? ? WATSON-CRICK ?     ?    ? 
hydrog8  hydrog ?    ? A DG  6  N1    ? ? ? 1_555 A DC  5  N3 ? ? A DG  6   A DC  5   6_545 ? ? ? ? ? ? WATSON-CRICK ?     ?    ? 
hydrog9  hydrog ?    ? A DG  6  N2    ? ? ? 1_555 A DC  5  O2 ? ? A DG  6   A DC  5   6_545 ? ? ? ? ? ? WATSON-CRICK ?     ?    ? 
hydrog10 hydrog ?    ? A DG  6  O6    ? ? ? 1_555 A DC  5  N4 ? ? A DG  6   A DC  5   6_545 ? ? ? ? ? ? WATSON-CRICK ?     ?    ? 
hydrog11 hydrog ?    ? A DA  7  N6    ? ? ? 1_555 A DG  3  O6 ? ? A DA  7   A DG  3   6_545 ? ? ? ? ? ? TYPE_9_PAIR  ?     ?    ? 
hydrog12 hydrog ?    ? A DA  7  N7    ? ? ? 1_555 A DG  3  N1 ? ? A DA  7   A DG  3   6_545 ? ? ? ? ? ? TYPE_9_PAIR  ?     ?    ? 
hydrog13 hydrog ?    ? A DA  8  N1    ? ? ? 1_555 A DT  2  N3 ? ? A DA  8   A DT  2   6_545 ? ? ? ? ? ? WATSON-CRICK ?     ?    ? 
hydrog14 hydrog ?    ? A DA  8  N6    ? ? ? 1_555 A DT  2  O4 ? ? A DA  8   A DT  2   6_545 ? ? ? ? ? ? WATSON-CRICK ?     ?    ? 
# 
loop_
_struct_conn_type.id 
_struct_conn_type.criteria 
_struct_conn_type.reference 
covale ? ? 
metalc ? ? 
hydrog ? ? 
# 
loop_
_pdbx_struct_conn_angle.id 
_pdbx_struct_conn_angle.ptnr1_label_atom_id 
_pdbx_struct_conn_angle.ptnr1_label_alt_id 
_pdbx_struct_conn_angle.ptnr1_label_asym_id 
_pdbx_struct_conn_angle.ptnr1_label_comp_id 
_pdbx_struct_conn_angle.ptnr1_label_seq_id 
_pdbx_struct_conn_angle.ptnr1_auth_atom_id 
_pdbx_struct_conn_angle.ptnr1_auth_asym_id 
_pdbx_struct_conn_angle.ptnr1_auth_comp_id 
_pdbx_struct_conn_angle.ptnr1_auth_seq_id 
_pdbx_struct_conn_angle.ptnr1_PDB_ins_code 
_pdbx_struct_conn_angle.ptnr1_symmetry 
_pdbx_struct_conn_angle.ptnr2_label_atom_id 
_pdbx_struct_conn_angle.ptnr2_label_alt_id 
_pdbx_struct_conn_angle.ptnr2_label_asym_id 
_pdbx_struct_conn_angle.ptnr2_label_comp_id 
_pdbx_struct_conn_angle.ptnr2_label_seq_id 
_pdbx_struct_conn_angle.ptnr2_auth_atom_id 
_pdbx_struct_conn_angle.ptnr2_auth_asym_id 
_pdbx_struct_conn_angle.ptnr2_auth_comp_id 
_pdbx_struct_conn_angle.ptnr2_auth_seq_id 
_pdbx_struct_conn_angle.ptnr2_PDB_ins_code 
_pdbx_struct_conn_angle.ptnr2_symmetry 
_pdbx_struct_conn_angle.ptnr3_label_atom_id 
_pdbx_struct_conn_angle.ptnr3_label_alt_id 
_pdbx_struct_conn_angle.ptnr3_label_asym_id 
_pdbx_struct_conn_angle.ptnr3_label_comp_id 
_pdbx_struct_conn_angle.ptnr3_label_seq_id 
_pdbx_struct_conn_angle.ptnr3_auth_atom_id 
_pdbx_struct_conn_angle.ptnr3_auth_asym_id 
_pdbx_struct_conn_angle.ptnr3_auth_comp_id 
_pdbx_struct_conn_angle.ptnr3_auth_seq_id 
_pdbx_struct_conn_angle.ptnr3_PDB_ins_code 
_pdbx_struct_conn_angle.ptnr3_symmetry 
_pdbx_struct_conn_angle.value 
_pdbx_struct_conn_angle.value_esd 
1  O4 ? A DT  1 ? A DT  1   ? 1_555 NA ? C NA . ? A NA 101 ? 1_555 O4 ? A DT  1 ? A DT  1   ? 1_555 0.0   ? 
2  O4 ? A DT  1 ? A DT  1   ? 1_555 NA ? C NA . ? A NA 101 ? 1_555 O  ? D HOH . ? A HOH 206 ? 1_555 84.4  ? 
3  O4 ? A DT  1 ? A DT  1   ? 1_555 NA ? C NA . ? A NA 101 ? 1_555 O  ? D HOH . ? A HOH 206 ? 1_555 84.4  ? 
4  O4 ? A DT  1 ? A DT  1   ? 1_555 NA ? C NA . ? A NA 101 ? 1_555 O  ? D HOH . ? A HOH 206 ? 7_545 101.3 ? 
5  O4 ? A DT  1 ? A DT  1   ? 1_555 NA ? C NA . ? A NA 101 ? 1_555 O  ? D HOH . ? A HOH 206 ? 7_545 101.3 ? 
6  O  ? D HOH . ? A HOH 206 ? 1_555 NA ? C NA . ? A NA 101 ? 1_555 O  ? D HOH . ? A HOH 206 ? 7_545 171.6 ? 
7  O4 ? A DT  1 ? A DT  1   ? 1_555 NA ? C NA . ? A NA 101 ? 1_555 O  ? D HOH . ? A HOH 242 ? 1_555 131.8 ? 
8  O4 ? A DT  1 ? A DT  1   ? 1_555 NA ? C NA . ? A NA 101 ? 1_555 O  ? D HOH . ? A HOH 242 ? 1_555 131.8 ? 
9  O  ? D HOH . ? A HOH 206 ? 1_555 NA ? C NA . ? A NA 101 ? 1_555 O  ? D HOH . ? A HOH 242 ? 1_555 85.8  ? 
10 O  ? D HOH . ? A HOH 206 ? 7_545 NA ? C NA . ? A NA 101 ? 1_555 O  ? D HOH . ? A HOH 242 ? 1_555 85.8  ? 
11 O4 ? A DT  1 ? A DT  1   ? 1_555 NA ? C NA . ? A NA 101 ? 1_555 O  ? D HOH . ? A HOH 242 ? 7_545 131.8 ? 
12 O4 ? A DT  1 ? A DT  1   ? 1_555 NA ? C NA . ? A NA 101 ? 1_555 O  ? D HOH . ? A HOH 242 ? 7_545 131.8 ? 
13 O  ? D HOH . ? A HOH 206 ? 1_555 NA ? C NA . ? A NA 101 ? 1_555 O  ? D HOH . ? A HOH 242 ? 7_545 85.8  ? 
14 O  ? D HOH . ? A HOH 206 ? 7_545 NA ? C NA . ? A NA 101 ? 1_555 O  ? D HOH . ? A HOH 242 ? 7_545 85.8  ? 
15 O  ? D HOH . ? A HOH 242 ? 1_555 NA ? C NA . ? A NA 101 ? 1_555 O  ? D HOH . ? A HOH 242 ? 7_545 0.0   ? 
# 
loop_
_pdbx_modification_feature.ordinal 
_pdbx_modification_feature.label_comp_id 
_pdbx_modification_feature.label_asym_id 
_pdbx_modification_feature.label_seq_id 
_pdbx_modification_feature.label_alt_id 
_pdbx_modification_feature.modified_residue_label_comp_id 
_pdbx_modification_feature.modified_residue_label_asym_id 
_pdbx_modification_feature.modified_residue_label_seq_id 
_pdbx_modification_feature.modified_residue_label_alt_id 
_pdbx_modification_feature.auth_comp_id 
_pdbx_modification_feature.auth_asym_id 
_pdbx_modification_feature.auth_seq_id 
_pdbx_modification_feature.PDB_ins_code 
_pdbx_modification_feature.symmetry 
_pdbx_modification_feature.modified_residue_auth_comp_id 
_pdbx_modification_feature.modified_residue_auth_asym_id 
_pdbx_modification_feature.modified_residue_auth_seq_id 
_pdbx_modification_feature.modified_residue_PDB_ins_code 
_pdbx_modification_feature.modified_residue_symmetry 
_pdbx_modification_feature.comp_id_linking_atom 
_pdbx_modification_feature.modified_residue_id_linking_atom 
_pdbx_modification_feature.modified_residue_id 
_pdbx_modification_feature.ref_pcm_id 
_pdbx_modification_feature.ref_comp_id 
_pdbx_modification_feature.type 
_pdbx_modification_feature.category 
1 SAR B 4  ? .   . .  . SAR B 4  ? 1_555 .   . .  . .     .   .  GLY 1 SAR Methylation 'Named protein modification' 
2 MVA B 5  ? .   . .  . MVA B 5  ? 1_555 .   . .  . .     .   .  VAL 1 MVA Methylation 'Named protein modification' 
3 SAR B 10 ? .   . .  . SAR B 10 ? 1_555 .   . .  . .     .   .  GLY 1 SAR Methylation 'Named protein modification' 
4 MVA B 11 ? .   . .  . MVA B 11 ? 1_555 .   . .  . .     .   .  VAL 1 MVA Methylation 'Named protein modification' 
5 PXZ B 6  ? .   . .  . PXZ B 6  ? 1_555 .   . .  . .     .   .  ?   1 PXZ None        'Non-standard residue'       
6 THR B 1  ? MVA B 5  ? THR B 1  ? 1_555 MVA B 5  ? 1_555 OG1 C  .   . .   None        'Non-standard linkage'       
7 THR B 1  ? PXZ B 6  ? THR B 1  ? 1_555 PXZ B 6  ? 1_555 N   C0 .   . .   None        'Non-standard linkage'       
8 THR B 7  ? MVA B 11 ? THR B 7  ? 1_555 MVA B 11 ? 1_555 OG1 C  .   . .   None        'Non-standard linkage'       
# 
loop_
_struct_mon_prot_cis.pdbx_id 
_struct_mon_prot_cis.label_comp_id 
_struct_mon_prot_cis.label_seq_id 
_struct_mon_prot_cis.label_asym_id 
_struct_mon_prot_cis.label_alt_id 
_struct_mon_prot_cis.pdbx_PDB_ins_code 
_struct_mon_prot_cis.auth_comp_id 
_struct_mon_prot_cis.auth_seq_id 
_struct_mon_prot_cis.auth_asym_id 
_struct_mon_prot_cis.pdbx_label_comp_id_2 
_struct_mon_prot_cis.pdbx_label_seq_id_2 
_struct_mon_prot_cis.pdbx_label_asym_id_2 
_struct_mon_prot_cis.pdbx_PDB_ins_code_2 
_struct_mon_prot_cis.pdbx_auth_comp_id_2 
_struct_mon_prot_cis.pdbx_auth_seq_id_2 
_struct_mon_prot_cis.pdbx_auth_asym_id_2 
_struct_mon_prot_cis.pdbx_PDB_model_num 
_struct_mon_prot_cis.pdbx_omega_angle 
1 DVA 2 B . ? DVA 2 B PRO 3  B ? PRO 3  B 1 6.79 
2 PRO 3 B . ? PRO 3 B SAR 4  B ? SAR 4  B 1 1.31 
3 DVA 8 B . ? DVA 8 B PRO 9  B ? PRO 9  B 1 7.11 
4 PRO 9 B . ? PRO 9 B SAR 10 B ? SAR 10 B 1 0.84 
# 
_pdbx_entry_details.entry_id                   6J0H 
_pdbx_entry_details.compound_details           
;ACTINOMYCIN D IS A BICYCLIC PEPTIDE, A MEMBER OF THE
ACTINOMYCIN FAMILY.
HERE, ACTINOMYCIN D IS REPRESENTED BY THE SEQUENCE (SEQRES)
;
_pdbx_entry_details.source_details             ? 
_pdbx_entry_details.nonpolymer_details         ? 
_pdbx_entry_details.sequence_details           ? 
_pdbx_entry_details.has_ligand_of_interest     ? 
_pdbx_entry_details.has_protein_modification   Y 
# 
loop_
_pdbx_validate_close_contact.id 
_pdbx_validate_close_contact.PDB_model_num 
_pdbx_validate_close_contact.auth_atom_id_1 
_pdbx_validate_close_contact.auth_asym_id_1 
_pdbx_validate_close_contact.auth_comp_id_1 
_pdbx_validate_close_contact.auth_seq_id_1 
_pdbx_validate_close_contact.PDB_ins_code_1 
_pdbx_validate_close_contact.label_alt_id_1 
_pdbx_validate_close_contact.auth_atom_id_2 
_pdbx_validate_close_contact.auth_asym_id_2 
_pdbx_validate_close_contact.auth_comp_id_2 
_pdbx_validate_close_contact.auth_seq_id_2 
_pdbx_validate_close_contact.PDB_ins_code_2 
_pdbx_validate_close_contact.label_alt_id_2 
_pdbx_validate_close_contact.dist 
1 1 OG1 B THR 1 ? ? O  B MVA 5  ? ? 2.07 
2 1 N   B THR 1 ? ? O1 B PXZ 6  ? ? 2.07 
3 1 OG1 B THR 7 ? ? O  B MVA 11 ? ? 2.13 
4 1 CB  B THR 1 ? ? C  B MVA 5  ? ? 2.16 
# 
loop_
_pdbx_validate_rmsd_bond.id 
_pdbx_validate_rmsd_bond.PDB_model_num 
_pdbx_validate_rmsd_bond.auth_atom_id_1 
_pdbx_validate_rmsd_bond.auth_asym_id_1 
_pdbx_validate_rmsd_bond.auth_comp_id_1 
_pdbx_validate_rmsd_bond.auth_seq_id_1 
_pdbx_validate_rmsd_bond.PDB_ins_code_1 
_pdbx_validate_rmsd_bond.label_alt_id_1 
_pdbx_validate_rmsd_bond.auth_atom_id_2 
_pdbx_validate_rmsd_bond.auth_asym_id_2 
_pdbx_validate_rmsd_bond.auth_comp_id_2 
_pdbx_validate_rmsd_bond.auth_seq_id_2 
_pdbx_validate_rmsd_bond.PDB_ins_code_2 
_pdbx_validate_rmsd_bond.label_alt_id_2 
_pdbx_validate_rmsd_bond.bond_value 
_pdbx_validate_rmsd_bond.bond_target_value 
_pdbx_validate_rmsd_bond.bond_deviation 
_pdbx_validate_rmsd_bond.bond_standard_deviation 
_pdbx_validate_rmsd_bond.linker_flag 
1 1 "O3'" A DT  2 ? ? P A DG  3 ? ? 1.449 1.607 -0.158 0.012 Y 
2 1 C     B SAR 4 ? ? N B MVA 5 ? ? 1.193 1.336 -0.143 0.023 Y 
# 
_pdbx_validate_rmsd_angle.id                         1 
_pdbx_validate_rmsd_angle.PDB_model_num              1 
_pdbx_validate_rmsd_angle.auth_atom_id_1             "C3'" 
_pdbx_validate_rmsd_angle.auth_asym_id_1             A 
_pdbx_validate_rmsd_angle.auth_comp_id_1             DT 
_pdbx_validate_rmsd_angle.auth_seq_id_1              2 
_pdbx_validate_rmsd_angle.PDB_ins_code_1             ? 
_pdbx_validate_rmsd_angle.label_alt_id_1             ? 
_pdbx_validate_rmsd_angle.auth_atom_id_2             "O3'" 
_pdbx_validate_rmsd_angle.auth_asym_id_2             A 
_pdbx_validate_rmsd_angle.auth_comp_id_2             DT 
_pdbx_validate_rmsd_angle.auth_seq_id_2              2 
_pdbx_validate_rmsd_angle.PDB_ins_code_2             ? 
_pdbx_validate_rmsd_angle.label_alt_id_2             ? 
_pdbx_validate_rmsd_angle.auth_atom_id_3             P 
_pdbx_validate_rmsd_angle.auth_asym_id_3             A 
_pdbx_validate_rmsd_angle.auth_comp_id_3             DG 
_pdbx_validate_rmsd_angle.auth_seq_id_3              3 
_pdbx_validate_rmsd_angle.PDB_ins_code_3             ? 
_pdbx_validate_rmsd_angle.label_alt_id_3             ? 
_pdbx_validate_rmsd_angle.angle_value                128.15 
_pdbx_validate_rmsd_angle.angle_target_value         119.70 
_pdbx_validate_rmsd_angle.angle_deviation            8.45 
_pdbx_validate_rmsd_angle.angle_standard_deviation   1.20 
_pdbx_validate_rmsd_angle.linker_flag                Y 
# 
_pdbx_validate_polymer_linkage.id               1 
_pdbx_validate_polymer_linkage.PDB_model_num    1 
_pdbx_validate_polymer_linkage.auth_atom_id_1   C 
_pdbx_validate_polymer_linkage.auth_asym_id_1   B 
_pdbx_validate_polymer_linkage.auth_comp_id_1   SAR 
_pdbx_validate_polymer_linkage.auth_seq_id_1    4 
_pdbx_validate_polymer_linkage.PDB_ins_code_1   ? 
_pdbx_validate_polymer_linkage.label_alt_id_1   ? 
_pdbx_validate_polymer_linkage.auth_atom_id_2   N 
_pdbx_validate_polymer_linkage.auth_asym_id_2   B 
_pdbx_validate_polymer_linkage.auth_comp_id_2   MVA 
_pdbx_validate_polymer_linkage.auth_seq_id_2    5 
_pdbx_validate_polymer_linkage.PDB_ins_code_2   ? 
_pdbx_validate_polymer_linkage.label_alt_id_2   ? 
_pdbx_validate_polymer_linkage.dist             1.19 
# 
_pdbx_molecule_features.prd_id    PRD_000001 
_pdbx_molecule_features.name      'Actinomycin D' 
_pdbx_molecule_features.type      Polypeptide 
_pdbx_molecule_features.class     Antibiotic 
_pdbx_molecule_features.details   
;ACTINOMYCIN D CONSISTS OF TWO PENTAMER
RINGS LINKED BY THE CHROMOPHORE (PXZ)
;
# 
_pdbx_molecule.instance_id   1 
_pdbx_molecule.prd_id        PRD_000001 
_pdbx_molecule.asym_id       B 
# 
loop_
_pdbx_struct_special_symmetry.id 
_pdbx_struct_special_symmetry.PDB_model_num 
_pdbx_struct_special_symmetry.auth_asym_id 
_pdbx_struct_special_symmetry.auth_comp_id 
_pdbx_struct_special_symmetry.auth_seq_id 
_pdbx_struct_special_symmetry.PDB_ins_code 
_pdbx_struct_special_symmetry.label_asym_id 
_pdbx_struct_special_symmetry.label_comp_id 
_pdbx_struct_special_symmetry.label_seq_id 
1 1 A NA  101 ? C NA  . 
2 1 A HOH 242 ? D HOH . 
3 1 B HOH 102 ? E HOH . 
# 
_pdbx_distant_solvent_atoms.id                                1 
_pdbx_distant_solvent_atoms.PDB_model_num                     1 
_pdbx_distant_solvent_atoms.auth_atom_id                      O 
_pdbx_distant_solvent_atoms.label_alt_id                      ? 
_pdbx_distant_solvent_atoms.auth_asym_id                      B 
_pdbx_distant_solvent_atoms.auth_comp_id                      HOH 
_pdbx_distant_solvent_atoms.auth_seq_id                       114 
_pdbx_distant_solvent_atoms.PDB_ins_code                      ? 
_pdbx_distant_solvent_atoms.neighbor_macromolecule_distance   7.17 
_pdbx_distant_solvent_atoms.neighbor_ligand_distance          . 
# 
loop_
_chem_comp_atom.comp_id 
_chem_comp_atom.atom_id 
_chem_comp_atom.type_symbol 
_chem_comp_atom.pdbx_aromatic_flag 
_chem_comp_atom.pdbx_stereo_config 
_chem_comp_atom.pdbx_ordinal 
DA  OP3    O  N N 1   
DA  P      P  N N 2   
DA  OP1    O  N N 3   
DA  OP2    O  N N 4   
DA  "O5'"  O  N N 5   
DA  "C5'"  C  N N 6   
DA  "C4'"  C  N R 7   
DA  "O4'"  O  N N 8   
DA  "C3'"  C  N S 9   
DA  "O3'"  O  N N 10  
DA  "C2'"  C  N N 11  
DA  "C1'"  C  N R 12  
DA  N9     N  Y N 13  
DA  C8     C  Y N 14  
DA  N7     N  Y N 15  
DA  C5     C  Y N 16  
DA  C6     C  Y N 17  
DA  N6     N  N N 18  
DA  N1     N  Y N 19  
DA  C2     C  Y N 20  
DA  N3     N  Y N 21  
DA  C4     C  Y N 22  
DA  HOP3   H  N N 23  
DA  HOP2   H  N N 24  
DA  "H5'"  H  N N 25  
DA  "H5''" H  N N 26  
DA  "H4'"  H  N N 27  
DA  "H3'"  H  N N 28  
DA  "HO3'" H  N N 29  
DA  "H2'"  H  N N 30  
DA  "H2''" H  N N 31  
DA  "H1'"  H  N N 32  
DA  H8     H  N N 33  
DA  H61    H  N N 34  
DA  H62    H  N N 35  
DA  H2     H  N N 36  
DC  OP3    O  N N 37  
DC  P      P  N N 38  
DC  OP1    O  N N 39  
DC  OP2    O  N N 40  
DC  "O5'"  O  N N 41  
DC  "C5'"  C  N N 42  
DC  "C4'"  C  N R 43  
DC  "O4'"  O  N N 44  
DC  "C3'"  C  N S 45  
DC  "O3'"  O  N N 46  
DC  "C2'"  C  N N 47  
DC  "C1'"  C  N R 48  
DC  N1     N  N N 49  
DC  C2     C  N N 50  
DC  O2     O  N N 51  
DC  N3     N  N N 52  
DC  C4     C  N N 53  
DC  N4     N  N N 54  
DC  C5     C  N N 55  
DC  C6     C  N N 56  
DC  HOP3   H  N N 57  
DC  HOP2   H  N N 58  
DC  "H5'"  H  N N 59  
DC  "H5''" H  N N 60  
DC  "H4'"  H  N N 61  
DC  "H3'"  H  N N 62  
DC  "HO3'" H  N N 63  
DC  "H2'"  H  N N 64  
DC  "H2''" H  N N 65  
DC  "H1'"  H  N N 66  
DC  H41    H  N N 67  
DC  H42    H  N N 68  
DC  H5     H  N N 69  
DC  H6     H  N N 70  
DG  OP3    O  N N 71  
DG  P      P  N N 72  
DG  OP1    O  N N 73  
DG  OP2    O  N N 74  
DG  "O5'"  O  N N 75  
DG  "C5'"  C  N N 76  
DG  "C4'"  C  N R 77  
DG  "O4'"  O  N N 78  
DG  "C3'"  C  N S 79  
DG  "O3'"  O  N N 80  
DG  "C2'"  C  N N 81  
DG  "C1'"  C  N R 82  
DG  N9     N  Y N 83  
DG  C8     C  Y N 84  
DG  N7     N  Y N 85  
DG  C5     C  Y N 86  
DG  C6     C  N N 87  
DG  O6     O  N N 88  
DG  N1     N  N N 89  
DG  C2     C  N N 90  
DG  N2     N  N N 91  
DG  N3     N  N N 92  
DG  C4     C  Y N 93  
DG  HOP3   H  N N 94  
DG  HOP2   H  N N 95  
DG  "H5'"  H  N N 96  
DG  "H5''" H  N N 97  
DG  "H4'"  H  N N 98  
DG  "H3'"  H  N N 99  
DG  "HO3'" H  N N 100 
DG  "H2'"  H  N N 101 
DG  "H2''" H  N N 102 
DG  "H1'"  H  N N 103 
DG  H8     H  N N 104 
DG  H1     H  N N 105 
DG  H21    H  N N 106 
DG  H22    H  N N 107 
DT  OP3    O  N N 108 
DT  P      P  N N 109 
DT  OP1    O  N N 110 
DT  OP2    O  N N 111 
DT  "O5'"  O  N N 112 
DT  "C5'"  C  N N 113 
DT  "C4'"  C  N R 114 
DT  "O4'"  O  N N 115 
DT  "C3'"  C  N S 116 
DT  "O3'"  O  N N 117 
DT  "C2'"  C  N N 118 
DT  "C1'"  C  N R 119 
DT  N1     N  N N 120 
DT  C2     C  N N 121 
DT  O2     O  N N 122 
DT  N3     N  N N 123 
DT  C4     C  N N 124 
DT  O4     O  N N 125 
DT  C5     C  N N 126 
DT  C7     C  N N 127 
DT  C6     C  N N 128 
DT  HOP3   H  N N 129 
DT  HOP2   H  N N 130 
DT  "H5'"  H  N N 131 
DT  "H5''" H  N N 132 
DT  "H4'"  H  N N 133 
DT  "H3'"  H  N N 134 
DT  "HO3'" H  N N 135 
DT  "H2'"  H  N N 136 
DT  "H2''" H  N N 137 
DT  "H1'"  H  N N 138 
DT  H3     H  N N 139 
DT  H71    H  N N 140 
DT  H72    H  N N 141 
DT  H73    H  N N 142 
DT  H6     H  N N 143 
DVA N      N  N N 144 
DVA CA     C  N R 145 
DVA CB     C  N N 146 
DVA CG1    C  N N 147 
DVA CG2    C  N N 148 
DVA C      C  N N 149 
DVA O      O  N N 150 
DVA OXT    O  N N 151 
DVA H      H  N N 152 
DVA H2     H  N N 153 
DVA HA     H  N N 154 
DVA HB     H  N N 155 
DVA HG11   H  N N 156 
DVA HG12   H  N N 157 
DVA HG13   H  N N 158 
DVA HG21   H  N N 159 
DVA HG22   H  N N 160 
DVA HG23   H  N N 161 
DVA HXT    H  N N 162 
HOH O      O  N N 163 
HOH H1     H  N N 164 
HOH H2     H  N N 165 
MVA N      N  N N 166 
MVA CN     C  N N 167 
MVA CA     C  N S 168 
MVA CB     C  N N 169 
MVA CG1    C  N N 170 
MVA CG2    C  N N 171 
MVA C      C  N N 172 
MVA O      O  N N 173 
MVA OXT    O  N N 174 
MVA H      H  N N 175 
MVA HN1    H  N N 176 
MVA HN2    H  N N 177 
MVA HN3    H  N N 178 
MVA HA     H  N N 179 
MVA HB     H  N N 180 
MVA HG11   H  N N 181 
MVA HG12   H  N N 182 
MVA HG13   H  N N 183 
MVA HG21   H  N N 184 
MVA HG22   H  N N 185 
MVA HG23   H  N N 186 
MVA HXT    H  N N 187 
NA  NA     NA N N 188 
PRO N      N  N N 189 
PRO CA     C  N S 190 
PRO C      C  N N 191 
PRO O      O  N N 192 
PRO CB     C  N N 193 
PRO CG     C  N N 194 
PRO CD     C  N N 195 
PRO OXT    O  N N 196 
PRO H      H  N N 197 
PRO HA     H  N N 198 
PRO HB2    H  N N 199 
PRO HB3    H  N N 200 
PRO HG2    H  N N 201 
PRO HG3    H  N N 202 
PRO HD2    H  N N 203 
PRO HD3    H  N N 204 
PRO HXT    H  N N 205 
PXZ C1     C  N N 206 
PXZ C0     C  N N 207 
PXZ O1     O  N N 208 
PXZ C2     C  N N 209 
PXZ N2     N  N N 210 
PXZ C3     C  N N 211 
PXZ O3     O  N N 212 
PXZ C4     C  N N 213 
PXZ O5     O  N N 214 
PXZ C6     C  Y N 215 
PXZ C7     C  Y N 216 
PXZ C8     C  Y N 217 
PXZ C9     C  Y N 218 
PXZ "C0'"  C  N N 219 
PXZ "O1'"  O  N N 220 
PXZ N10    N  N N 221 
PXZ C11    C  N N 222 
PXZ C12    C  N N 223 
PXZ C13    C  Y N 224 
PXZ C14    C  Y N 225 
PXZ C15    C  N N 226 
PXZ C16    C  N N 227 
PXZ HN21   H  N N 228 
PXZ HN22   H  N N 229 
PXZ H7     H  N N 230 
PXZ H8     H  N N 231 
PXZ H151   H  N N 232 
PXZ H152   H  N N 233 
PXZ H153   H  N N 234 
PXZ H161   H  N N 235 
PXZ H162   H  N N 236 
PXZ H163   H  N N 237 
PXZ "OXT'" O  N N 238 
PXZ OXT    O  N N 239 
PXZ "HXT'" H  N N 240 
PXZ HXT    H  N N 241 
SAR N      N  N N 242 
SAR CA     C  N N 243 
SAR C      C  N N 244 
SAR O      O  N N 245 
SAR CN     C  N N 246 
SAR OXT    O  N N 247 
SAR H      H  N N 248 
SAR HA2    H  N N 249 
SAR HA3    H  N N 250 
SAR HN1    H  N N 251 
SAR HN2    H  N N 252 
SAR HN3    H  N N 253 
SAR HXT    H  N N 254 
THR N      N  N N 255 
THR CA     C  N S 256 
THR C      C  N N 257 
THR O      O  N N 258 
THR CB     C  N R 259 
THR OG1    O  N N 260 
THR CG2    C  N N 261 
THR OXT    O  N N 262 
THR H      H  N N 263 
THR H2     H  N N 264 
THR HA     H  N N 265 
THR HB     H  N N 266 
THR HG1    H  N N 267 
THR HG21   H  N N 268 
THR HG22   H  N N 269 
THR HG23   H  N N 270 
THR HXT    H  N N 271 
# 
loop_
_chem_comp_bond.comp_id 
_chem_comp_bond.atom_id_1 
_chem_comp_bond.atom_id_2 
_chem_comp_bond.value_order 
_chem_comp_bond.pdbx_aromatic_flag 
_chem_comp_bond.pdbx_stereo_config 
_chem_comp_bond.pdbx_ordinal 
DA  OP3    P      sing N N 1   
DA  OP3    HOP3   sing N N 2   
DA  P      OP1    doub N N 3   
DA  P      OP2    sing N N 4   
DA  P      "O5'"  sing N N 5   
DA  OP2    HOP2   sing N N 6   
DA  "O5'"  "C5'"  sing N N 7   
DA  "C5'"  "C4'"  sing N N 8   
DA  "C5'"  "H5'"  sing N N 9   
DA  "C5'"  "H5''" sing N N 10  
DA  "C4'"  "O4'"  sing N N 11  
DA  "C4'"  "C3'"  sing N N 12  
DA  "C4'"  "H4'"  sing N N 13  
DA  "O4'"  "C1'"  sing N N 14  
DA  "C3'"  "O3'"  sing N N 15  
DA  "C3'"  "C2'"  sing N N 16  
DA  "C3'"  "H3'"  sing N N 17  
DA  "O3'"  "HO3'" sing N N 18  
DA  "C2'"  "C1'"  sing N N 19  
DA  "C2'"  "H2'"  sing N N 20  
DA  "C2'"  "H2''" sing N N 21  
DA  "C1'"  N9     sing N N 22  
DA  "C1'"  "H1'"  sing N N 23  
DA  N9     C8     sing Y N 24  
DA  N9     C4     sing Y N 25  
DA  C8     N7     doub Y N 26  
DA  C8     H8     sing N N 27  
DA  N7     C5     sing Y N 28  
DA  C5     C6     sing Y N 29  
DA  C5     C4     doub Y N 30  
DA  C6     N6     sing N N 31  
DA  C6     N1     doub Y N 32  
DA  N6     H61    sing N N 33  
DA  N6     H62    sing N N 34  
DA  N1     C2     sing Y N 35  
DA  C2     N3     doub Y N 36  
DA  C2     H2     sing N N 37  
DA  N3     C4     sing Y N 38  
DC  OP3    P      sing N N 39  
DC  OP3    HOP3   sing N N 40  
DC  P      OP1    doub N N 41  
DC  P      OP2    sing N N 42  
DC  P      "O5'"  sing N N 43  
DC  OP2    HOP2   sing N N 44  
DC  "O5'"  "C5'"  sing N N 45  
DC  "C5'"  "C4'"  sing N N 46  
DC  "C5'"  "H5'"  sing N N 47  
DC  "C5'"  "H5''" sing N N 48  
DC  "C4'"  "O4'"  sing N N 49  
DC  "C4'"  "C3'"  sing N N 50  
DC  "C4'"  "H4'"  sing N N 51  
DC  "O4'"  "C1'"  sing N N 52  
DC  "C3'"  "O3'"  sing N N 53  
DC  "C3'"  "C2'"  sing N N 54  
DC  "C3'"  "H3'"  sing N N 55  
DC  "O3'"  "HO3'" sing N N 56  
DC  "C2'"  "C1'"  sing N N 57  
DC  "C2'"  "H2'"  sing N N 58  
DC  "C2'"  "H2''" sing N N 59  
DC  "C1'"  N1     sing N N 60  
DC  "C1'"  "H1'"  sing N N 61  
DC  N1     C2     sing N N 62  
DC  N1     C6     sing N N 63  
DC  C2     O2     doub N N 64  
DC  C2     N3     sing N N 65  
DC  N3     C4     doub N N 66  
DC  C4     N4     sing N N 67  
DC  C4     C5     sing N N 68  
DC  N4     H41    sing N N 69  
DC  N4     H42    sing N N 70  
DC  C5     C6     doub N N 71  
DC  C5     H5     sing N N 72  
DC  C6     H6     sing N N 73  
DG  OP3    P      sing N N 74  
DG  OP3    HOP3   sing N N 75  
DG  P      OP1    doub N N 76  
DG  P      OP2    sing N N 77  
DG  P      "O5'"  sing N N 78  
DG  OP2    HOP2   sing N N 79  
DG  "O5'"  "C5'"  sing N N 80  
DG  "C5'"  "C4'"  sing N N 81  
DG  "C5'"  "H5'"  sing N N 82  
DG  "C5'"  "H5''" sing N N 83  
DG  "C4'"  "O4'"  sing N N 84  
DG  "C4'"  "C3'"  sing N N 85  
DG  "C4'"  "H4'"  sing N N 86  
DG  "O4'"  "C1'"  sing N N 87  
DG  "C3'"  "O3'"  sing N N 88  
DG  "C3'"  "C2'"  sing N N 89  
DG  "C3'"  "H3'"  sing N N 90  
DG  "O3'"  "HO3'" sing N N 91  
DG  "C2'"  "C1'"  sing N N 92  
DG  "C2'"  "H2'"  sing N N 93  
DG  "C2'"  "H2''" sing N N 94  
DG  "C1'"  N9     sing N N 95  
DG  "C1'"  "H1'"  sing N N 96  
DG  N9     C8     sing Y N 97  
DG  N9     C4     sing Y N 98  
DG  C8     N7     doub Y N 99  
DG  C8     H8     sing N N 100 
DG  N7     C5     sing Y N 101 
DG  C5     C6     sing N N 102 
DG  C5     C4     doub Y N 103 
DG  C6     O6     doub N N 104 
DG  C6     N1     sing N N 105 
DG  N1     C2     sing N N 106 
DG  N1     H1     sing N N 107 
DG  C2     N2     sing N N 108 
DG  C2     N3     doub N N 109 
DG  N2     H21    sing N N 110 
DG  N2     H22    sing N N 111 
DG  N3     C4     sing N N 112 
DT  OP3    P      sing N N 113 
DT  OP3    HOP3   sing N N 114 
DT  P      OP1    doub N N 115 
DT  P      OP2    sing N N 116 
DT  P      "O5'"  sing N N 117 
DT  OP2    HOP2   sing N N 118 
DT  "O5'"  "C5'"  sing N N 119 
DT  "C5'"  "C4'"  sing N N 120 
DT  "C5'"  "H5'"  sing N N 121 
DT  "C5'"  "H5''" sing N N 122 
DT  "C4'"  "O4'"  sing N N 123 
DT  "C4'"  "C3'"  sing N N 124 
DT  "C4'"  "H4'"  sing N N 125 
DT  "O4'"  "C1'"  sing N N 126 
DT  "C3'"  "O3'"  sing N N 127 
DT  "C3'"  "C2'"  sing N N 128 
DT  "C3'"  "H3'"  sing N N 129 
DT  "O3'"  "HO3'" sing N N 130 
DT  "C2'"  "C1'"  sing N N 131 
DT  "C2'"  "H2'"  sing N N 132 
DT  "C2'"  "H2''" sing N N 133 
DT  "C1'"  N1     sing N N 134 
DT  "C1'"  "H1'"  sing N N 135 
DT  N1     C2     sing N N 136 
DT  N1     C6     sing N N 137 
DT  C2     O2     doub N N 138 
DT  C2     N3     sing N N 139 
DT  N3     C4     sing N N 140 
DT  N3     H3     sing N N 141 
DT  C4     O4     doub N N 142 
DT  C4     C5     sing N N 143 
DT  C5     C7     sing N N 144 
DT  C5     C6     doub N N 145 
DT  C7     H71    sing N N 146 
DT  C7     H72    sing N N 147 
DT  C7     H73    sing N N 148 
DT  C6     H6     sing N N 149 
DVA N      CA     sing N N 150 
DVA N      H      sing N N 151 
DVA N      H2     sing N N 152 
DVA CA     CB     sing N N 153 
DVA CA     C      sing N N 154 
DVA CA     HA     sing N N 155 
DVA CB     CG1    sing N N 156 
DVA CB     CG2    sing N N 157 
DVA CB     HB     sing N N 158 
DVA CG1    HG11   sing N N 159 
DVA CG1    HG12   sing N N 160 
DVA CG1    HG13   sing N N 161 
DVA CG2    HG21   sing N N 162 
DVA CG2    HG22   sing N N 163 
DVA CG2    HG23   sing N N 164 
DVA C      O      doub N N 165 
DVA C      OXT    sing N N 166 
DVA OXT    HXT    sing N N 167 
HOH O      H1     sing N N 168 
HOH O      H2     sing N N 169 
MVA N      CN     sing N N 170 
MVA N      CA     sing N N 171 
MVA N      H      sing N N 172 
MVA CN     HN1    sing N N 173 
MVA CN     HN2    sing N N 174 
MVA CN     HN3    sing N N 175 
MVA CA     CB     sing N N 176 
MVA CA     C      sing N N 177 
MVA CA     HA     sing N N 178 
MVA CB     CG1    sing N N 179 
MVA CB     CG2    sing N N 180 
MVA CB     HB     sing N N 181 
MVA CG1    HG11   sing N N 182 
MVA CG1    HG12   sing N N 183 
MVA CG1    HG13   sing N N 184 
MVA CG2    HG21   sing N N 185 
MVA CG2    HG22   sing N N 186 
MVA CG2    HG23   sing N N 187 
MVA C      O      doub N N 188 
MVA C      OXT    sing N N 189 
MVA OXT    HXT    sing N N 190 
PRO N      CA     sing N N 191 
PRO N      CD     sing N N 192 
PRO N      H      sing N N 193 
PRO CA     C      sing N N 194 
PRO CA     CB     sing N N 195 
PRO CA     HA     sing N N 196 
PRO C      O      doub N N 197 
PRO C      OXT    sing N N 198 
PRO CB     CG     sing N N 199 
PRO CB     HB2    sing N N 200 
PRO CB     HB3    sing N N 201 
PRO CG     CD     sing N N 202 
PRO CG     HG2    sing N N 203 
PRO CG     HG3    sing N N 204 
PRO CD     HD2    sing N N 205 
PRO CD     HD3    sing N N 206 
PRO OXT    HXT    sing N N 207 
PXZ C1     C0     sing N N 208 
PXZ C1     C2     doub N N 209 
PXZ C1     C11    sing N N 210 
PXZ C0     O1     doub N N 211 
PXZ C2     N2     sing N N 212 
PXZ C2     C3     sing N N 213 
PXZ N2     HN21   sing N N 214 
PXZ N2     HN22   sing N N 215 
PXZ C3     O3     doub N N 216 
PXZ C3     C4     sing N N 217 
PXZ C4     C12    doub N N 218 
PXZ C4     C15    sing N N 219 
PXZ O5     C12    sing N N 220 
PXZ O5     C13    sing N N 221 
PXZ C6     C7     doub Y N 222 
PXZ C6     C13    sing Y N 223 
PXZ C6     C16    sing N N 224 
PXZ C7     C8     sing Y N 225 
PXZ C7     H7     sing N N 226 
PXZ C8     C9     doub Y N 227 
PXZ C8     H8     sing N N 228 
PXZ C9     "C0'"  sing N N 229 
PXZ C9     C14    sing Y N 230 
PXZ "C0'"  "O1'"  doub N N 231 
PXZ N10    C11    doub N N 232 
PXZ N10    C14    sing N N 233 
PXZ C11    C12    sing N N 234 
PXZ C13    C14    doub Y N 235 
PXZ C15    H151   sing N N 236 
PXZ C15    H152   sing N N 237 
PXZ C15    H153   sing N N 238 
PXZ C16    H161   sing N N 239 
PXZ C16    H162   sing N N 240 
PXZ C16    H163   sing N N 241 
PXZ "C0'"  "OXT'" sing N N 242 
PXZ C0     OXT    sing N N 243 
PXZ "OXT'" "HXT'" sing N N 244 
PXZ OXT    HXT    sing N N 245 
SAR N      CA     sing N N 246 
SAR N      CN     sing N N 247 
SAR N      H      sing N N 248 
SAR CA     C      sing N N 249 
SAR CA     HA2    sing N N 250 
SAR CA     HA3    sing N N 251 
SAR C      O      doub N N 252 
SAR C      OXT    sing N N 253 
SAR CN     HN1    sing N N 254 
SAR CN     HN2    sing N N 255 
SAR CN     HN3    sing N N 256 
SAR OXT    HXT    sing N N 257 
THR N      CA     sing N N 258 
THR N      H      sing N N 259 
THR N      H2     sing N N 260 
THR CA     C      sing N N 261 
THR CA     CB     sing N N 262 
THR CA     HA     sing N N 263 
THR C      O      doub N N 264 
THR C      OXT    sing N N 265 
THR CB     OG1    sing N N 266 
THR CB     CG2    sing N N 267 
THR CB     HB     sing N N 268 
THR OG1    HG1    sing N N 269 
THR CG2    HG21   sing N N 270 
THR CG2    HG22   sing N N 271 
THR CG2    HG23   sing N N 272 
THR OXT    HXT    sing N N 273 
# 
loop_
_ndb_struct_conf_na.entry_id 
_ndb_struct_conf_na.feature 
6J0H 'double helix' 
6J0H 'bulge loop'   
# 
loop_
_ndb_struct_na_base_pair.model_number 
_ndb_struct_na_base_pair.i_label_asym_id 
_ndb_struct_na_base_pair.i_label_comp_id 
_ndb_struct_na_base_pair.i_label_seq_id 
_ndb_struct_na_base_pair.i_symmetry 
_ndb_struct_na_base_pair.j_label_asym_id 
_ndb_struct_na_base_pair.j_label_comp_id 
_ndb_struct_na_base_pair.j_label_seq_id 
_ndb_struct_na_base_pair.j_symmetry 
_ndb_struct_na_base_pair.shear 
_ndb_struct_na_base_pair.stretch 
_ndb_struct_na_base_pair.stagger 
_ndb_struct_na_base_pair.buckle 
_ndb_struct_na_base_pair.propeller 
_ndb_struct_na_base_pair.opening 
_ndb_struct_na_base_pair.pair_number 
_ndb_struct_na_base_pair.pair_name 
_ndb_struct_na_base_pair.i_auth_asym_id 
_ndb_struct_na_base_pair.i_auth_seq_id 
_ndb_struct_na_base_pair.i_PDB_ins_code 
_ndb_struct_na_base_pair.j_auth_asym_id 
_ndb_struct_na_base_pair.j_auth_seq_id 
_ndb_struct_na_base_pair.j_PDB_ins_code 
_ndb_struct_na_base_pair.hbond_type_28 
_ndb_struct_na_base_pair.hbond_type_12 
1 A DT 2 1_555 A DA 8 6_545 0.014  -0.139 0.076  -13.088 -6.720 3.685   1 A_DT2:DA8_A A 2 ? A 8 ? 20 1 
1 A DG 3 1_555 A DA 7 6_545 -0.039 4.789  -0.066 15.098  3.173  -83.513 2 A_DG3:DA7_A A 3 ? A 7 ? 9  3 
1 A DT 2 6_545 A DA 8 1_555 0.014  -0.139 0.076  -13.088 -6.720 3.685   3 A_DT2:DA8_A A 2 ? A 8 ? 20 1 
1 A DG 3 6_545 A DA 7 1_555 -0.039 4.789  -0.066 15.098  3.173  -83.513 4 A_DG3:DA7_A A 3 ? A 7 ? 9  3 
1 A DC 5 1_555 A DG 6 6_545 0.290  -0.154 -0.033 12.955  19.725 2.583   5 A_DC5:DG6_A A 5 ? A 6 ? 19 1 
1 A DG 6 1_555 A DC 5 6_545 -0.290 -0.154 -0.033 -12.955 19.725 2.583   6 A_DG6:DC5_A A 6 ? A 5 ? 19 1 
# 
loop_
_ndb_struct_na_base_pair_step.model_number 
_ndb_struct_na_base_pair_step.i_label_asym_id_1 
_ndb_struct_na_base_pair_step.i_label_comp_id_1 
_ndb_struct_na_base_pair_step.i_label_seq_id_1 
_ndb_struct_na_base_pair_step.i_symmetry_1 
_ndb_struct_na_base_pair_step.j_label_asym_id_1 
_ndb_struct_na_base_pair_step.j_label_comp_id_1 
_ndb_struct_na_base_pair_step.j_label_seq_id_1 
_ndb_struct_na_base_pair_step.j_symmetry_1 
_ndb_struct_na_base_pair_step.i_label_asym_id_2 
_ndb_struct_na_base_pair_step.i_label_comp_id_2 
_ndb_struct_na_base_pair_step.i_label_seq_id_2 
_ndb_struct_na_base_pair_step.i_symmetry_2 
_ndb_struct_na_base_pair_step.j_label_asym_id_2 
_ndb_struct_na_base_pair_step.j_label_comp_id_2 
_ndb_struct_na_base_pair_step.j_label_seq_id_2 
_ndb_struct_na_base_pair_step.j_symmetry_2 
_ndb_struct_na_base_pair_step.shift 
_ndb_struct_na_base_pair_step.slide 
_ndb_struct_na_base_pair_step.rise 
_ndb_struct_na_base_pair_step.tilt 
_ndb_struct_na_base_pair_step.roll 
_ndb_struct_na_base_pair_step.twist 
_ndb_struct_na_base_pair_step.x_displacement 
_ndb_struct_na_base_pair_step.y_displacement 
_ndb_struct_na_base_pair_step.helical_rise 
_ndb_struct_na_base_pair_step.inclination 
_ndb_struct_na_base_pair_step.tip 
_ndb_struct_na_base_pair_step.helical_twist 
_ndb_struct_na_base_pair_step.step_number 
_ndb_struct_na_base_pair_step.step_name 
_ndb_struct_na_base_pair_step.i_auth_asym_id_1 
_ndb_struct_na_base_pair_step.i_auth_seq_id_1 
_ndb_struct_na_base_pair_step.i_PDB_ins_code_1 
_ndb_struct_na_base_pair_step.j_auth_asym_id_1 
_ndb_struct_na_base_pair_step.j_auth_seq_id_1 
_ndb_struct_na_base_pair_step.j_PDB_ins_code_1 
_ndb_struct_na_base_pair_step.i_auth_asym_id_2 
_ndb_struct_na_base_pair_step.i_auth_seq_id_2 
_ndb_struct_na_base_pair_step.i_PDB_ins_code_2 
_ndb_struct_na_base_pair_step.j_auth_asym_id_2 
_ndb_struct_na_base_pair_step.j_auth_seq_id_2 
_ndb_struct_na_base_pair_step.j_PDB_ins_code_2 
1 A DT 2 1_555 A DA 8 6_545 A DG 3 1_555 A DA 7 6_545 1.214 -1.552 3.116 0.628 9.326  62.588 -1.862 -1.133 2.894 8.924  -0.601 
63.212 1 AA_DT2DG3:DA7DA8_AA A 2 ? A 8 ? A 3 ? A 7 ? 
1 A DT 2 6_545 A DA 8 1_555 A DG 3 6_545 A DA 7 1_555 1.214 -1.552 3.116 0.628 9.326  62.588 -1.862 -1.133 2.894 8.924  -0.601 
63.212 2 AA_DT2DG3:DA7DA8_AA A 2 ? A 8 ? A 3 ? A 7 ? 
1 A DC 5 1_555 A DG 6 6_545 A DG 6 1_555 A DC 5 6_545 0.000 2.647  4.586 0.000 41.832 3.517  -6.063 0.000  3.031 85.409 0.000  
41.973 3 AA_DC5DG6:DC5DG6_AA A 5 ? A 6 ? A 6 ? A 5 ? 
# 
_atom_sites.entry_id                    6J0H 
_atom_sites.fract_transf_matrix[1][1]   0.00568500 
_atom_sites.fract_transf_matrix[1][2]   -0.01018193 
_atom_sites.fract_transf_matrix[1][3]   0.01210307 
_atom_sites.fract_transf_matrix[2][1]   -0.00802837 
_atom_sites.fract_transf_matrix[2][2]   0.00922338 
_atom_sites.fract_transf_matrix[2][3]   0.01153038 
_atom_sites.fract_transf_matrix[3][1]   -0.00867239 
_atom_sites.fract_transf_matrix[3][2]   -0.00616137 
_atom_sites.fract_transf_matrix[3][3]   -0.00110981 
_atom_sites.fract_transf_vector[1]      -0.042424 
_atom_sites.fract_transf_vector[2]      -0.129590 
_atom_sites.fract_transf_vector[3]      0.074976 
# 
loop_
_atom_type.symbol 
C  
N  
NA 
O  
P  
# 
loop_
_atom_site.group_PDB 
_atom_site.id 
_atom_site.type_symbol 
_atom_site.label_atom_id 
_atom_site.label_alt_id 
_atom_site.label_comp_id 
_atom_site.label_asym_id 
_atom_site.label_entity_id 
_atom_site.label_seq_id 
_atom_site.pdbx_PDB_ins_code 
_atom_site.Cartn_x 
_atom_site.Cartn_y 
_atom_site.Cartn_z 
_atom_site.occupancy 
_atom_site.B_iso_or_equiv 
_atom_site.pdbx_formal_charge 
_atom_site.auth_seq_id 
_atom_site.auth_comp_id 
_atom_site.auth_asym_id 
_atom_site.auth_atom_id 
_atom_site.pdbx_PDB_model_num 
ATOM   1   P  P     . DT  A 1 1  ? 3.110  -29.063 0.262   1.00 107.71 ? 1   DT  A P     1 
ATOM   2   O  OP1   . DT  A 1 1  ? 3.090  -30.430 0.855   1.00 108.38 ? 1   DT  A OP1   1 
ATOM   3   O  OP2   . DT  A 1 1  ? 2.122  -28.074 0.741   1.00 101.61 ? 1   DT  A OP2   1 
ATOM   4   O  "O5'" . DT  A 1 1  ? 4.600  -28.503 0.108   1.00 97.31  ? 1   DT  A "O5'" 1 
ATOM   5   C  "C5'" . DT  A 1 1  ? 4.985  -27.116 0.272   1.00 73.07  ? 1   DT  A "C5'" 1 
ATOM   6   C  "C4'" . DT  A 1 1  ? 5.380  -26.533 -1.066  1.00 56.74  ? 1   DT  A "C4'" 1 
ATOM   7   O  "O4'" . DT  A 1 1  ? 4.214  -26.691 -1.895  1.00 51.06  ? 1   DT  A "O4'" 1 
ATOM   8   C  "C3'" . DT  A 1 1  ? 5.689  -25.034 -1.044  1.00 54.24  ? 1   DT  A "C3'" 1 
ATOM   9   O  "O3'" . DT  A 1 1  ? 7.048  -24.568 -0.980  1.00 63.94  ? 1   DT  A "O3'" 1 
ATOM   10  C  "C2'" . DT  A 1 1  ? 4.880  -24.441 -2.177  1.00 41.86  ? 1   DT  A "C2'" 1 
ATOM   11  C  "C1'" . DT  A 1 1  ? 3.956  -25.534 -2.653  1.00 38.37  ? 1   DT  A "C1'" 1 
ATOM   12  N  N1    . DT  A 1 1  ? 2.513  -25.258 -2.586  1.00 30.56  ? 1   DT  A N1    1 
ATOM   13  C  C2    . DT  A 1 1  ? 1.889  -24.978 -3.774  1.00 28.43  ? 1   DT  A C2    1 
ATOM   14  O  O2    . DT  A 1 1  ? 2.477  -24.920 -4.828  1.00 29.21  ? 1   DT  A O2    1 
ATOM   15  N  N3    . DT  A 1 1  ? 0.539  -24.789 -3.679  1.00 27.23  ? 1   DT  A N3    1 
ATOM   16  C  C4    . DT  A 1 1  ? -0.229 -24.833 -2.541  1.00 27.86  ? 1   DT  A C4    1 
ATOM   17  O  O4    . DT  A 1 1  ? -1.426 -24.628 -2.605  1.00 25.17  ? 1   DT  A O4    1 
ATOM   18  C  C5    . DT  A 1 1  ? 0.489  -25.121 -1.330  1.00 30.71  ? 1   DT  A C5    1 
ATOM   19  C  C7    . DT  A 1 1  ? -0.270 -25.204 -0.046  1.00 37.36  ? 1   DT  A C7    1 
ATOM   20  C  C6    . DT  A 1 1  ? 1.806  -25.335 -1.413  1.00 33.09  ? 1   DT  A C6    1 
ATOM   21  P  P     . DT  A 1 2  ? 8.009  -24.321 -2.246  1.00 51.33  ? 2   DT  A P     1 
ATOM   22  O  OP1   . DT  A 1 2  ? 8.439  -25.595 -2.719  1.00 59.50  ? 2   DT  A OP1   1 
ATOM   23  O  OP2   . DT  A 1 2  ? 8.990  -23.357 -1.877  1.00 65.48  ? 2   DT  A OP2   1 
ATOM   24  O  "O5'" . DT  A 1 2  ? 7.158  -23.534 -3.328  1.00 41.69  ? 2   DT  A "O5'" 1 
ATOM   25  C  "C5'" . DT  A 1 2  ? 7.451  -23.668 -4.715  1.00 36.23  ? 2   DT  A "C5'" 1 
ATOM   26  C  "C4'" . DT  A 1 2  ? 6.722  -22.623 -5.527  1.00 37.62  ? 2   DT  A "C4'" 1 
ATOM   27  O  "O4'" . DT  A 1 2  ? 5.304  -22.794 -5.326  1.00 32.47  ? 2   DT  A "O4'" 1 
ATOM   28  C  "C3'" . DT  A 1 2  ? 6.984  -21.186 -5.087  1.00 43.93  ? 2   DT  A "C3'" 1 
ATOM   29  O  "O3'" . DT  A 1 2  ? 8.259  -20.515 -5.309  1.00 61.51  ? 2   DT  A "O3'" 1 
ATOM   30  C  "C2'" . DT  A 1 2  ? 5.703  -20.466 -5.483  1.00 32.27  ? 2   DT  A "C2'" 1 
ATOM   31  C  "C1'" . DT  A 1 2  ? 4.669  -21.577 -5.661  1.00 29.96  ? 2   DT  A "C1'" 1 
ATOM   32  N  N1    . DT  A 1 2  ? 3.415  -21.489 -4.887  1.00 26.19  ? 2   DT  A N1    1 
ATOM   33  C  C2    . DT  A 1 2  ? 2.247  -21.420 -5.599  1.00 22.06  ? 2   DT  A C2    1 
ATOM   34  O  O2    . DT  A 1 2  ? 2.216  -21.376 -6.809  1.00 26.32  ? 2   DT  A O2    1 
ATOM   35  N  N3    . DT  A 1 2  ? 1.109  -21.422 -4.838  1.00 21.62  ? 2   DT  A N3    1 
ATOM   36  C  C4    . DT  A 1 2  ? 1.030  -21.454 -3.463  1.00 22.52  ? 2   DT  A C4    1 
ATOM   37  O  O4    . DT  A 1 2  ? -0.058 -21.440 -2.916  1.00 22.87  ? 2   DT  A O4    1 
ATOM   38  C  C5    . DT  A 1 2  ? 2.296  -21.528 -2.779  1.00 27.74  ? 2   DT  A C5    1 
ATOM   39  C  C7    . DT  A 1 2  ? 2.308  -21.584 -1.287  1.00 31.39  ? 2   DT  A C7    1 
ATOM   40  C  C6    . DT  A 1 2  ? 3.410  -21.553 -3.517  1.00 26.27  ? 2   DT  A C6    1 
ATOM   41  P  P     . DG  A 1 3  ? 8.756  -19.920 -6.533  1.00 38.61  ? 3   DG  A P     1 
ATOM   42  O  OP1   . DG  A 1 3  ? 8.420  -20.962 -7.520  1.00 53.50  ? 3   DG  A OP1   1 
ATOM   43  O  OP2   . DG  A 1 3  ? 10.154 -19.483 -6.427  1.00 57.12  ? 3   DG  A OP2   1 
ATOM   44  O  "O5'" . DG  A 1 3  ? 7.837  -18.644 -6.858  1.00 30.13  ? 3   DG  A "O5'" 1 
ATOM   45  C  "C5'" . DG  A 1 3  ? 7.295  -18.493 -8.170  1.00 30.38  ? 3   DG  A "C5'" 1 
ATOM   46  C  "C4'" . DG  A 1 3  ? 6.304  -17.345 -8.213  1.00 24.96  ? 3   DG  A "C4'" 1 
ATOM   47  O  "O4'" . DG  A 1 3  ? 5.080  -17.739 -7.574  1.00 25.17  ? 3   DG  A "O4'" 1 
ATOM   48  C  "C3'" . DG  A 1 3  ? 6.769  -16.083 -7.497  1.00 21.19  ? 3   DG  A "C3'" 1 
ATOM   49  O  "O3'" . DG  A 1 3  ? 7.005  -15.054 -8.450  1.00 32.47  ? 3   DG  A "O3'" 1 
ATOM   50  C  "C2'" . DG  A 1 3  ? 5.623  -15.709 -6.544  1.00 23.07  ? 3   DG  A "C2'" 1 
ATOM   51  C  "C1'" . DG  A 1 3  ? 4.475  -16.592 -7.016  1.00 22.09  ? 3   DG  A "C1'" 1 
ATOM   52  N  N9    . DG  A 1 3  ? 3.593  -17.051 -5.957  1.00 20.15  ? 3   DG  A N9    1 
ATOM   53  C  C8    . DG  A 1 3  ? 3.936  -17.404 -4.663  1.00 21.81  ? 3   DG  A C8    1 
ATOM   54  N  N7    . DG  A 1 3  ? 2.910  -17.819 -3.955  1.00 22.60  ? 3   DG  A N7    1 
ATOM   55  C  C5    . DG  A 1 3  ? 1.826  -17.724 -4.833  1.00 20.92  ? 3   DG  A C5    1 
ATOM   56  C  C6    . DG  A 1 3  ? 0.442  -18.028 -4.652  1.00 18.75  ? 3   DG  A C6    1 
ATOM   57  O  O6    . DG  A 1 3  ? -0.137 -18.451 -3.643  1.00 22.08  ? 3   DG  A O6    1 
ATOM   58  N  N1    . DG  A 1 3  ? -0.295 -17.829 -5.830  1.00 18.24  ? 3   DG  A N1    1 
ATOM   59  C  C2    . DG  A 1 3  ? 0.238  -17.331 -7.008  1.00 17.36  ? 3   DG  A C2    1 
ATOM   60  N  N2    . DG  A 1 3  ? -0.613 -17.188 -8.047  1.00 18.52  ? 3   DG  A N2    1 
ATOM   61  N  N3    . DG  A 1 3  ? 1.516  -17.042 -7.182  1.00 18.95  ? 3   DG  A N3    1 
ATOM   62  C  C4    . DG  A 1 3  ? 2.249  -17.258 -6.067  1.00 19.95  ? 3   DG  A C4    1 
ATOM   63  P  P     . DG  A 1 4  ? 8.364  -14.244 -8.459  1.00 34.76  ? 4   DG  A P     1 
ATOM   64  O  OP1   . DG  A 1 4  ? 8.414  -13.513 -9.677  1.00 40.48  ? 4   DG  A OP1   1 
ATOM   65  O  OP2   . DG  A 1 4  ? 9.442  -15.108 -8.100  1.00 38.80  ? 4   DG  A OP2   1 
ATOM   66  O  "O5'" . DG  A 1 4  ? 8.223  -13.270 -7.217  1.00 30.84  ? 4   DG  A "O5'" 1 
ATOM   67  C  "C5'" . DG  A 1 4  ? 7.406  -12.134 -7.303  1.00 28.95  ? 4   DG  A "C5'" 1 
ATOM   68  C  "C4'" . DG  A 1 4  ? 7.343  -11.448 -5.962  1.00 29.56  ? 4   DG  A "C4'" 1 
ATOM   69  O  "O4'" . DG  A 1 4  ? 6.749  -12.345 -5.020  1.00 29.48  ? 4   DG  A "O4'" 1 
ATOM   70  C  "C3'" . DG  A 1 4  ? 8.679  -11.024 -5.359  1.00 30.90  ? 4   DG  A "C3'" 1 
ATOM   71  O  "O3'" . DG  A 1 4  ? 8.423  -9.810  -4.685  1.00 32.92  ? 4   DG  A "O3'" 1 
ATOM   72  C  "C2'" . DG  A 1 4  ? 8.907  -12.042 -4.257  1.00 29.81  ? 4   DG  A "C2'" 1 
ATOM   73  C  "C1'" . DG  A 1 4  ? 7.495  -12.331 -3.827  1.00 30.00  ? 4   DG  A "C1'" 1 
ATOM   74  N  N9    . DG  A 1 4  ? 7.242  -13.591 -3.157  1.00 28.36  ? 4   DG  A N9    1 
ATOM   75  C  C8    . DG  A 1 4  ? 7.612  -14.842 -3.576  1.00 29.31  ? 4   DG  A C8    1 
ATOM   76  N  N7    . DG  A 1 4  ? 7.142  -15.793 -2.821  1.00 35.45  ? 4   DG  A N7    1 
ATOM   77  C  C5    . DG  A 1 4  ? 6.396  -15.129 -1.861  1.00 34.46  ? 4   DG  A C5    1 
ATOM   78  C  C6    . DG  A 1 4  ? 5.647  -15.631 -0.775  1.00 35.74  ? 4   DG  A C6    1 
ATOM   79  O  O6    . DG  A 1 4  ? 5.482  -16.800 -0.433  1.00 38.39  ? 4   DG  A O6    1 
ATOM   80  N  N1    . DG  A 1 4  ? 5.041  -14.610 -0.058  1.00 33.39  ? 4   DG  A N1    1 
ATOM   81  C  C2    . DG  A 1 4  ? 5.140  -13.277 -0.348  1.00 31.87  ? 4   DG  A C2    1 
ATOM   82  N  N2    . DG  A 1 4  ? 4.479  -12.449 0.465   1.00 29.89  ? 4   DG  A N2    1 
ATOM   83  N  N3    . DG  A 1 4  ? 5.849  -12.793 -1.345  1.00 32.67  ? 4   DG  A N3    1 
ATOM   84  C  C4    . DG  A 1 4  ? 6.437  -13.770 -2.065  1.00 34.53  ? 4   DG  A C4    1 
ATOM   85  P  P     . DC  A 1 5  ? 9.051  -8.476  -5.114  1.00 31.65  ? 5   DC  A P     1 
ATOM   86  O  OP1   . DC  A 1 5  ? 10.087 -8.711  -6.099  1.00 38.32  ? 5   DC  A OP1   1 
ATOM   87  O  OP2   . DC  A 1 5  ? 9.358  -7.778  -3.887  1.00 29.43  ? 5   DC  A OP2   1 
ATOM   88  O  "O5'" . DC  A 1 5  ? 7.842  -7.704  -5.773  1.00 33.19  ? 5   DC  A "O5'" 1 
ATOM   89  C  "C5'" . DC  A 1 5  ? 7.546  -7.784  -7.157  1.00 28.99  ? 5   DC  A "C5'" 1 
ATOM   90  C  "C4'" . DC  A 1 5  ? 6.090  -7.447  -7.352  1.00 29.32  ? 5   DC  A "C4'" 1 
ATOM   91  O  "O4'" . DC  A 1 5  ? 5.313  -8.501  -6.757  1.00 26.75  ? 5   DC  A "O4'" 1 
ATOM   92  C  "C3'" . DC  A 1 5  ? 5.650  -6.149  -6.670  1.00 25.59  ? 5   DC  A "C3'" 1 
ATOM   93  O  "O3'" . DC  A 1 5  ? 4.769  -5.401  -7.489  1.00 29.35  ? 5   DC  A "O3'" 1 
ATOM   94  C  "C2'" . DC  A 1 5  ? 4.801  -6.625  -5.508  1.00 24.91  ? 5   DC  A "C2'" 1 
ATOM   95  C  "C1'" . DC  A 1 5  ? 4.258  -7.946  -6.032  1.00 20.76  ? 5   DC  A "C1'" 1 
ATOM   96  N  N1    . DC  A 1 5  ? 3.853  -8.900  -4.989  1.00 19.75  ? 5   DC  A N1    1 
ATOM   97  C  C2    . DC  A 1 5  ? 2.561  -9.413  -5.017  1.00 22.27  ? 5   DC  A C2    1 
ATOM   98  O  O2    . DC  A 1 5  ? 1.819  -9.090  -5.936  1.00 23.39  ? 5   DC  A O2    1 
ATOM   99  N  N3    . DC  A 1 5  ? 2.159  -10.249 -4.038  1.00 19.89  ? 5   DC  A N3    1 
ATOM   100 C  C4    . DC  A 1 5  ? 2.997  -10.573 -3.059  1.00 18.33  ? 5   DC  A C4    1 
ATOM   101 N  N4    . DC  A 1 5  ? 2.556  -11.381 -2.101  1.00 19.95  ? 5   DC  A N4    1 
ATOM   102 C  C5    . DC  A 1 5  ? 4.328  -10.077 -3.016  1.00 21.77  ? 5   DC  A C5    1 
ATOM   103 C  C6    . DC  A 1 5  ? 4.707  -9.244  -3.985  1.00 19.22  ? 5   DC  A C6    1 
ATOM   104 P  P     . DG  A 1 6  ? 5.270  -4.221  -8.400  1.00 29.34  ? 6   DG  A P     1 
ATOM   105 O  OP1   . DG  A 1 6  ? 4.242  -3.957  -9.341  1.00 33.61  ? 6   DG  A OP1   1 
ATOM   106 O  OP2   . DG  A 1 6  ? 6.570  -4.521  -8.838  1.00 33.16  ? 6   DG  A OP2   1 
ATOM   107 O  "O5'" . DG  A 1 6  ? 5.338  -2.987  -7.398  1.00 27.48  ? 6   DG  A "O5'" 1 
ATOM   108 C  "C5'" . DG  A 1 6  ? 6.522  -2.700  -6.669  1.00 25.17  ? 6   DG  A "C5'" 1 
ATOM   109 C  "C4'" . DG  A 1 6  ? 6.162  -2.224  -5.284  1.00 23.09  ? 6   DG  A "C4'" 1 
ATOM   110 O  "O4'" . DG  A 1 6  ? 5.473  -3.274  -4.586  1.00 21.68  ? 6   DG  A "O4'" 1 
ATOM   111 C  "C3'" . DG  A 1 6  ? 7.330  -1.813  -4.386  1.00 25.28  ? 6   DG  A "C3'" 1 
ATOM   112 O  "O3'" . DG  A 1 6  ? 7.142  -0.419  -4.154  1.00 32.99  ? 6   DG  A "O3'" 1 
ATOM   113 C  "C2'" . DG  A 1 6  ? 7.159  -2.669  -3.143  1.00 25.44  ? 6   DG  A "C2'" 1 
ATOM   114 C  "C1'" . DG  A 1 6  ? 5.718  -3.135  -3.211  1.00 21.00  ? 6   DG  A "C1'" 1 
ATOM   115 N  N9    . DG  A 1 6  ? 5.437  -4.424  -2.591  1.00 20.44  ? 6   DG  A N9    1 
ATOM   116 C  C8    . DG  A 1 6  ? 6.331  -5.440  -2.383  1.00 20.52  ? 6   DG  A C8    1 
ATOM   117 N  N7    . DG  A 1 6  ? 5.785  -6.503  -1.869  1.00 21.55  ? 6   DG  A N7    1 
ATOM   118 C  C5    . DG  A 1 6  ? 4.443  -6.183  -1.763  1.00 19.53  ? 6   DG  A C5    1 
ATOM   119 C  C6    . DG  A 1 6  ? 3.355  -6.947  -1.285  1.00 20.34  ? 6   DG  A C6    1 
ATOM   120 O  O6    . DG  A 1 6  ? 3.362  -8.091  -0.833  1.00 20.38  ? 6   DG  A O6    1 
ATOM   121 N  N1    . DG  A 1 6  ? 2.162  -6.241  -1.370  1.00 19.41  ? 6   DG  A N1    1 
ATOM   122 C  C2    . DG  A 1 6  ? 2.038  -4.961  -1.839  1.00 21.47  ? 6   DG  A C2    1 
ATOM   123 N  N2    . DG  A 1 6  ? 0.809  -4.453  -1.852  1.00 20.82  ? 6   DG  A N2    1 
ATOM   124 N  N3    . DG  A 1 6  ? 3.048  -4.234  -2.263  1.00 19.67  ? 6   DG  A N3    1 
ATOM   125 C  C4    . DG  A 1 6  ? 4.211  -4.903  -2.206  1.00 19.34  ? 6   DG  A C4    1 
ATOM   126 P  P     . DA  A 1 7  ? 8.283  0.508   -3.621  1.00 33.08  ? 7   DA  A P     1 
ATOM   127 O  OP1   . DA  A 1 7  ? 7.974  1.833   -4.047  1.00 34.90  ? 7   DA  A OP1   1 
ATOM   128 O  OP2   . DA  A 1 7  ? 9.559  -0.073  -3.914  1.00 40.03  ? 7   DA  A OP2   1 
ATOM   129 O  "O5'" . DA  A 1 7  ? 8.097  0.394   -2.061  1.00 36.25  ? 7   DA  A "O5'" 1 
ATOM   130 C  "C5'" . DA  A 1 7  ? 8.924  1.130   -1.169  1.00 30.27  ? 7   DA  A "C5'" 1 
ATOM   131 C  "C4'" . DA  A 1 7  ? 8.030  1.906   -0.242  1.00 29.25  ? 7   DA  A "C4'" 1 
ATOM   132 O  "O4'" . DA  A 1 7  ? 7.277  0.972   0.542   1.00 27.03  ? 7   DA  A "O4'" 1 
ATOM   133 C  "C3'" . DA  A 1 7  ? 8.725  2.839   0.748   1.00 30.71  ? 7   DA  A "C3'" 1 
ATOM   134 O  "O3'" . DA  A 1 7  ? 7.850  3.966   0.778   1.00 34.23  ? 7   DA  A "O3'" 1 
ATOM   135 C  "C2'" . DA  A 1 7  ? 8.765  2.000   2.015   1.00 27.17  ? 7   DA  A "C2'" 1 
ATOM   136 C  "C1'" . DA  A 1 7  ? 7.481  1.199   1.920   1.00 26.26  ? 7   DA  A "C1'" 1 
ATOM   137 N  N9    . DA  A 1 7  ? 7.382  -0.095  2.599   1.00 25.34  ? 7   DA  A N9    1 
ATOM   138 C  C8    . DA  A 1 7  ? 6.250  -0.555  3.208   1.00 24.42  ? 7   DA  A C8    1 
ATOM   139 N  N7    . DA  A 1 7  ? 6.357  -1.764  3.683   1.00 21.21  ? 7   DA  A N7    1 
ATOM   140 C  C5    . DA  A 1 7  ? 7.631  -2.151  3.318   1.00 22.76  ? 7   DA  A C5    1 
ATOM   141 C  C6    . DA  A 1 7  ? 8.339  -3.340  3.507   1.00 23.59  ? 7   DA  A C6    1 
ATOM   142 N  N6    . DA  A 1 7  ? 7.859  -4.385  4.169   1.00 22.85  ? 7   DA  A N6    1 
ATOM   143 N  N1    . DA  A 1 7  ? 9.592  -3.405  3.017   1.00 24.12  ? 7   DA  A N1    1 
ATOM   144 C  C2    . DA  A 1 7  ? 10.075 -2.351  2.363   1.00 24.57  ? 7   DA  A C2    1 
ATOM   145 N  N3    . DA  A 1 7  ? 9.509  -1.178  2.123   1.00 26.85  ? 7   DA  A N3    1 
ATOM   146 C  C4    . DA  A 1 7  ? 8.273  -1.138  2.639   1.00 23.15  ? 7   DA  A C4    1 
ATOM   147 P  P     . DA  A 1 8  ? 8.361  5.377   1.139   1.00 41.67  ? 8   DA  A P     1 
ATOM   148 O  OP1   . DA  A 1 8  ? 7.904  6.305   0.153   1.00 56.84  ? 8   DA  A OP1   1 
ATOM   149 O  OP2   . DA  A 1 8  ? 9.719  5.261   1.485   1.00 33.15  ? 8   DA  A OP2   1 
ATOM   150 O  "O5'" . DA  A 1 8  ? 7.403  5.690   2.322   1.00 50.82  ? 8   DA  A "O5'" 1 
ATOM   151 C  "C5'" . DA  A 1 8  ? 7.926  5.355   3.500   1.00 46.55  ? 8   DA  A "C5'" 1 
ATOM   152 C  "C4'" . DA  A 1 8  ? 6.798  5.177   4.460   1.00 31.46  ? 8   DA  A "C4'" 1 
ATOM   153 O  "O4'" . DA  A 1 8  ? 6.602  3.752   4.554   1.00 25.26  ? 8   DA  A "O4'" 1 
ATOM   154 C  "C3'" . DA  A 1 8  ? 7.330  5.637   5.802   1.00 46.40  ? 8   DA  A "C3'" 1 
ATOM   155 O  "O3'" . DA  A 1 8  ? 6.294  6.222   6.543   1.00 56.37  ? 8   DA  A "O3'" 1 
ATOM   156 C  "C2'" . DA  A 1 8  ? 7.842  4.352   6.401   1.00 37.85  ? 8   DA  A "C2'" 1 
ATOM   157 C  "C1'" . DA  A 1 8  ? 6.829  3.369   5.872   1.00 29.79  ? 8   DA  A "C1'" 1 
ATOM   158 N  N9    . DA  A 1 8  ? 7.363  2.019   5.895   1.00 24.86  ? 8   DA  A N9    1 
ATOM   159 C  C8    . DA  A 1 8  ? 8.662  1.636   5.723   1.00 25.90  ? 8   DA  A C8    1 
ATOM   160 N  N7    . DA  A 1 8  ? 8.867  0.364   5.930   1.00 24.73  ? 8   DA  A N7    1 
ATOM   161 C  C5    . DA  A 1 8  ? 7.629  -0.113  6.320   1.00 23.93  ? 8   DA  A C5    1 
ATOM   162 C  C6    . DA  A 1 8  ? 7.179  -1.390  6.679   1.00 22.74  ? 8   DA  A C6    1 
ATOM   163 N  N6    . DA  A 1 8  ? 7.961  -2.460  6.741   1.00 24.53  ? 8   DA  A N6    1 
ATOM   164 N  N1    . DA  A 1 8  ? 5.881  -1.526  7.010   1.00 23.51  ? 8   DA  A N1    1 
ATOM   165 C  C2    . DA  A 1 8  ? 5.093  -0.454  6.944   1.00 25.08  ? 8   DA  A C2    1 
ATOM   166 N  N3    . DA  A 1 8  ? 5.396  0.791   6.612   1.00 24.32  ? 8   DA  A N3    1 
ATOM   167 C  C4    . DA  A 1 8  ? 6.695  0.898   6.311   1.00 23.21  ? 8   DA  A C4    1 
ATOM   168 N  N     . THR B 2 1  ? 2.831  -1.260  -0.849  1.00 22.02  ? 1   THR B N     1 
ATOM   169 C  CA    . THR B 2 1  ? 2.089  -0.119  -1.333  1.00 18.69  ? 1   THR B CA    1 
ATOM   170 C  C     . THR B 2 1  ? 0.693  -0.449  -1.825  1.00 20.91  ? 1   THR B C     1 
ATOM   171 O  O     . THR B 2 1  ? 0.479  -1.550  -2.230  1.00 20.53  ? 1   THR B O     1 
ATOM   172 C  CB    . THR B 2 1  ? 2.804  0.512   -2.547  1.00 19.12  ? 1   THR B CB    1 
ATOM   173 O  OG1   . THR B 2 1  ? 2.670  -0.353  -3.643  1.00 22.45  ? 1   THR B OG1   1 
ATOM   174 C  CG2   . THR B 2 1  ? 4.241  0.668   -2.280  1.00 22.61  ? 1   THR B CG2   1 
HETATM 175 N  N     . DVA B 2 2  ? -0.214 0.505   -1.834  1.00 20.22  ? 2   DVA B N     1 
HETATM 176 C  CA    . DVA B 2 2  ? -1.479 0.276   -2.423  1.00 21.33  ? 2   DVA B CA    1 
HETATM 177 C  CB    . DVA B 2 2  ? -1.876 1.456   -3.313  1.00 40.42  ? 2   DVA B CB    1 
HETATM 178 C  CG1   . DVA B 2 2  ? -3.303 1.910   -3.261  1.00 35.15  ? 2   DVA B CG1   1 
HETATM 179 C  CG2   . DVA B 2 2  ? -0.870 2.547   -3.521  1.00 24.83  ? 2   DVA B CG2   1 
HETATM 180 C  C     . DVA B 2 2  ? -2.575 -0.298  -1.614  1.00 22.10  ? 2   DVA B C     1 
HETATM 181 O  O     . DVA B 2 2  ? -2.949 0.280   -0.631  1.00 22.13  ? 2   DVA B O     1 
ATOM   182 N  N     . PRO B 2 3  ? -3.104 -1.424  -2.043  1.00 22.72  ? 3   PRO B N     1 
ATOM   183 C  CA    . PRO B 2 3  ? -2.607 -2.213  -3.161  1.00 22.61  ? 3   PRO B CA    1 
ATOM   184 C  C     . PRO B 2 3  ? -3.055 -1.792  -4.531  1.00 23.38  ? 3   PRO B C     1 
ATOM   185 O  O     . PRO B 2 3  ? -4.140 -1.345  -4.648  1.00 27.24  ? 3   PRO B O     1 
ATOM   186 C  CB    . PRO B 2 3  ? -3.178 -3.585  -2.849  1.00 24.52  ? 3   PRO B CB    1 
ATOM   187 C  CG    . PRO B 2 3  ? -4.419 -3.318  -2.130  1.00 24.32  ? 3   PRO B CG    1 
ATOM   188 C  CD    . PRO B 2 3  ? -4.176 -2.096  -1.324  1.00 21.86  ? 3   PRO B CD    1 
HETATM 189 N  N     . SAR B 2 4  ? -2.203 -1.934  -5.525  1.00 22.72  ? 4   SAR B N     1 
HETATM 190 C  CA    . SAR B 2 4  ? -0.875 -2.486  -5.423  1.00 22.96  ? 4   SAR B CA    1 
HETATM 191 C  C     . SAR B 2 4  ? 0.288  -1.552  -5.637  1.00 22.11  ? 4   SAR B C     1 
HETATM 192 O  O     . SAR B 2 4  ? -0.015 -0.373  -5.609  1.00 25.55  ? 4   SAR B O     1 
HETATM 193 C  CN    . SAR B 2 4  ? -2.724 -1.536  -6.785  1.00 23.25  ? 4   SAR B CN    1 
HETATM 194 N  N     . MVA B 2 5  ? 1.458  -1.780  -5.686  1.00 23.73  ? 5   MVA B N     1 
HETATM 195 C  CN    . MVA B 2 5  ? 1.871  -2.926  -5.453  1.00 25.12  ? 5   MVA B CN    1 
HETATM 196 C  CA    . MVA B 2 5  ? 2.281  -0.876  -5.832  1.00 32.35  ? 5   MVA B CA    1 
HETATM 197 C  CB    . MVA B 2 5  ? 2.331  -0.230  -7.234  1.00 37.48  ? 5   MVA B CB    1 
HETATM 198 C  CG1   . MVA B 2 5  ? 1.952  -1.222  -8.306  1.00 44.13  ? 5   MVA B CG1   1 
HETATM 199 C  CG2   . MVA B 2 5  ? 3.684  0.326   -7.599  1.00 39.33  ? 5   MVA B CG2   1 
HETATM 200 C  C     . MVA B 2 5  ? 2.526  0.103   -4.651  1.00 57.10  ? 5   MVA B C     1 
HETATM 201 O  O     . MVA B 2 5  ? 2.560  1.218   -4.981  1.00 38.61  ? 5   MVA B O     1 
HETATM 202 C  C1    . PXZ B 2 6  ? 4.283  -2.577  0.526   1.00 19.42  ? 6   PXZ B C1    1 
HETATM 203 C  C0    . PXZ B 2 6  ? 3.581  -1.356  0.128   1.00 29.50  ? 6   PXZ B C0    1 
HETATM 204 O  O1    . PXZ B 2 6  ? 3.742  -0.383  0.792   1.00 22.41  ? 6   PXZ B O1    1 
HETATM 205 C  C2    . PXZ B 2 6  ? 5.724  -2.679  0.405   1.00 19.19  ? 6   PXZ B C2    1 
HETATM 206 N  N2    . PXZ B 2 6  ? 6.472  -1.712  -0.044  1.00 24.07  ? 6   PXZ B N2    1 
HETATM 207 C  C3    . PXZ B 2 6  ? 6.391  -3.883  0.757   1.00 23.04  ? 6   PXZ B C3    1 
HETATM 208 O  O3    . PXZ B 2 6  ? 7.575  -3.950  0.644   1.00 40.24  ? 6   PXZ B O3    1 
HETATM 209 C  C4    . PXZ B 2 6  ? 5.678  -4.998  1.262   1.00 18.99  ? 6   PXZ B C4    1 
HETATM 210 O  O5    . PXZ B 2 6  ? 3.653  -5.952  1.875   1.00 20.57  ? 6   PXZ B O5    1 
HETATM 211 C  C6    . PXZ B 2 6  ? 1.659  -7.072  2.482   1.00 22.97  ? 6   PXZ B C6    1 
HETATM 212 C  C7    . PXZ B 2 6  ? 0.301  -7.091  2.625   1.00 22.91  ? 6   PXZ B C7    1 
HETATM 213 C  C8    . PXZ B 2 6  ? -0.447 -5.988  2.246   1.00 22.72  ? 6   PXZ B C8    1 
HETATM 214 C  C9    . PXZ B 2 6  ? 0.131  -4.838  1.779   1.00 22.70  ? 6   PXZ B C9    1 
HETATM 215 C  "C0'" . PXZ B 2 6  ? -0.700 -3.658  1.437   1.00 39.03  ? 6   PXZ B "C0'" 1 
HETATM 216 O  "O1'" . PXZ B 2 6  ? -1.444 -3.687  0.514   1.00 20.88  ? 6   PXZ B "O1'" 1 
HETATM 217 N  N10   . PXZ B 2 6  ? 2.207  -3.698  1.169   1.00 17.56  ? 6   PXZ B N10   1 
HETATM 218 C  C11   . PXZ B 2 6  ? 3.522  -3.719  1.032   1.00 17.68  ? 6   PXZ B C11   1 
HETATM 219 C  C12   . PXZ B 2 6  ? 4.262  -4.916  1.411   1.00 19.14  ? 6   PXZ B C12   1 
HETATM 220 C  C13   . PXZ B 2 6  ? 2.348  -5.924  1.976   1.00 18.74  ? 6   PXZ B C13   1 
HETATM 221 C  C14   . PXZ B 2 6  ? 1.582  -4.758  1.628   1.00 19.34  ? 6   PXZ B C14   1 
HETATM 222 C  C15   . PXZ B 2 6  ? 6.386  -6.236  1.641   1.00 22.04  ? 6   PXZ B C15   1 
HETATM 223 C  C16   . PXZ B 2 6  ? 2.529  -8.215  2.847   1.00 23.11  ? 6   PXZ B C16   1 
ATOM   224 N  N     . THR B 2 7  ? -0.439 -2.511  2.056   1.00 24.68  ? 7   THR B N     1 
ATOM   225 C  CA    . THR B 2 7  ? -1.228 -1.320  1.859   1.00 18.96  ? 7   THR B CA    1 
ATOM   226 C  C     . THR B 2 7  ? -0.452 -0.010  2.022   1.00 21.43  ? 7   THR B C     1 
ATOM   227 O  O     . THR B 2 7  ? 0.525  0.009   2.651   1.00 18.79  ? 7   THR B O     1 
ATOM   228 C  CB    . THR B 2 7  ? -2.346 -1.201  2.930   1.00 18.70  ? 7   THR B CB    1 
ATOM   229 O  OG1   . THR B 2 7  ? -1.775 -1.047  4.220   1.00 20.57  ? 7   THR B OG1   1 
ATOM   230 C  CG2   . THR B 2 7  ? -3.209 -2.412  2.950   1.00 22.68  ? 7   THR B CG2   1 
HETATM 231 N  N     . DVA B 2 8  ? -0.987 1.056   1.487   1.00 18.77  ? 8   DVA B N     1 
HETATM 232 C  CA    . DVA B 2 8  ? -0.447 2.355   1.704   1.00 19.42  ? 8   DVA B CA    1 
HETATM 233 C  CB    . DVA B 2 8  ? -1.613 3.304   1.503   1.00 19.92  ? 8   DVA B CB    1 
HETATM 234 C  CG1   . DVA B 2 8  ? -2.812 2.924   2.330   1.00 21.04  ? 8   DVA B CG1   1 
HETATM 235 C  CG2   . DVA B 2 8  ? -1.192 4.722   1.835   1.00 23.07  ? 8   DVA B CG2   1 
HETATM 236 C  C     . DVA B 2 8  ? 0.703  2.795   0.863   1.00 21.91  ? 8   DVA B C     1 
HETATM 237 O  O     . DVA B 2 8  ? 0.522  2.992   -0.299  1.00 20.81  ? 8   DVA B O     1 
ATOM   238 N  N     . PRO B 2 9  ? 1.874  2.989   1.430   1.00 19.67  ? 9   PRO B N     1 
ATOM   239 C  CA    . PRO B 2 9  ? 2.193  2.670   2.807   1.00 19.42  ? 9   PRO B CA    1 
ATOM   240 C  C     . PRO B 2 9  ? 1.831  3.680   3.865   1.00 19.60  ? 9   PRO B C     1 
ATOM   241 O  O     . PRO B 2 9  ? 1.823  4.823   3.561   1.00 21.72  ? 9   PRO B O     1 
ATOM   242 C  CB    . PRO B 2 9  ? 3.708  2.520   2.761   1.00 18.60  ? 9   PRO B CB    1 
ATOM   243 C  CG    . PRO B 2 9  ? 4.138  3.386   1.663   1.00 21.12  ? 9   PRO B CG    1 
ATOM   244 C  CD    . PRO B 2 9  ? 3.044  3.402   0.662   1.00 20.53  ? 9   PRO B CD    1 
HETATM 245 N  N     . SAR B 2 10 ? 1.508  3.224   5.055   1.00 19.57  ? 10  SAR B N     1 
HETATM 246 C  CA    . SAR B 2 10 ? 1.493  1.830   5.424   1.00 19.78  ? 10  SAR B CA    1 
HETATM 247 C  C     . SAR B 2 10 ? 0.108  1.261   5.635   1.00 19.08  ? 10  SAR B C     1 
HETATM 248 O  O     . SAR B 2 10 ? -0.751 1.897   5.059   1.00 22.65  ? 10  SAR B O     1 
HETATM 249 C  CN    . SAR B 2 10 ? 0.945  4.123   6.012   1.00 23.13  ? 10  SAR B CN    1 
HETATM 250 N  N     . MVA B 2 11 ? -0.188 0.153   6.196   1.00 18.71  ? 11  MVA B N     1 
HETATM 251 C  CN    . MVA B 2 11 ? 0.817  -0.518  6.695   1.00 18.81  ? 11  MVA B CN    1 
HETATM 252 C  CA    . MVA B 2 11 ? -1.419 -0.119  6.378   1.00 27.50  ? 11  MVA B CA    1 
HETATM 253 C  CB    . MVA B 2 11 ? -2.140 0.799   7.368   1.00 32.34  ? 11  MVA B CB    1 
HETATM 254 C  CG1   . MVA B 2 11 ? -1.246 1.262   8.501   1.00 29.09  ? 11  MVA B CG1   1 
HETATM 255 C  CG2   . MVA B 2 11 ? -3.312 0.076   7.993   1.00 37.32  ? 11  MVA B CG2   1 
HETATM 256 C  C     . MVA B 2 11 ? -2.282 -0.309  5.113   1.00 49.28  ? 11  MVA B C     1 
HETATM 257 O  O     . MVA B 2 11 ? -3.358 0.094   5.062   1.00 27.75  ? 11  MVA B O     1 
HETATM 258 NA NA    . NA  C 3 .  ? -3.278 -23.619 -0.950  0.50 40.39  ? 101 NA  A NA    1 
HETATM 259 O  O     . HOH D 4 .  ? 11.580 3.654   2.295   1.00 49.71  ? 201 HOH A O     1 
HETATM 260 O  O     . HOH D 4 .  ? 7.411  4.240   -3.146  1.00 47.20  ? 202 HOH A O     1 
HETATM 261 O  O     . HOH D 4 .  ? 0.390  -6.914  -6.494  1.00 29.61  ? 203 HOH A O     1 
HETATM 262 O  O     . HOH D 4 .  ? 3.545  -18.436 -1.284  1.00 28.38  ? 204 HOH A O     1 
HETATM 263 O  O     . HOH D 4 .  ? 6.939  -6.184  -10.921 1.00 45.76  ? 205 HOH A O     1 
HETATM 264 O  O     . HOH D 4 .  ? -1.140 -21.386 -0.417  1.00 35.66  ? 206 HOH A O     1 
HETATM 265 O  O     . HOH D 4 .  ? 0.393  -18.104 -0.974  1.00 29.07  ? 207 HOH A O     1 
HETATM 266 O  O     . HOH D 4 .  ? 2.923  -15.174 1.633   1.00 50.87  ? 208 HOH A O     1 
HETATM 267 O  O     . HOH D 4 .  ? 10.785 -1.655  -2.000  1.00 50.04  ? 209 HOH A O     1 
HETATM 268 O  O     . HOH D 4 .  ? 7.507  -18.549 -2.971  1.00 37.12  ? 210 HOH A O     1 
HETATM 269 O  O     . HOH D 4 .  ? 4.667  -10.827 -8.168  1.00 25.00  ? 211 HOH A O     1 
HETATM 270 O  O     . HOH D 4 .  ? 5.220  -9.688  0.521   1.00 25.02  ? 212 HOH A O     1 
HETATM 271 O  O     . HOH D 4 .  ? 7.538  -8.699  -1.679  1.00 32.40  ? 213 HOH A O     1 
HETATM 272 O  O     . HOH D 4 .  ? 10.481 -1.109  -6.386  1.00 58.03  ? 214 HOH A O     1 
HETATM 273 O  O     . HOH D 4 .  ? 7.644  -10.784 -0.421  1.00 38.84  ? 215 HOH A O     1 
HETATM 274 O  O     . HOH D 4 .  ? 11.584 0.033   0.568   1.00 51.21  ? 216 HOH A O     1 
HETATM 275 O  O     . HOH D 4 .  ? 4.647  -1.587  -11.008 1.00 40.73  ? 217 HOH A O     1 
HETATM 276 O  O     . HOH D 4 .  ? 9.016  -7.073  4.624   1.00 52.41  ? 218 HOH A O     1 
HETATM 277 O  O     . HOH D 4 .  ? 9.758  5.344   -1.998  1.00 46.41  ? 219 HOH A O     1 
HETATM 278 O  O     . HOH D 4 .  ? 6.778  -22.115 -9.814  1.00 48.18  ? 220 HOH A O     1 
HETATM 279 O  O     . HOH D 4 .  ? 8.717  -21.003 -10.558 1.00 51.43  ? 221 HOH A O     1 
HETATM 280 O  O     . HOH D 4 .  ? 9.931  -16.073 -5.179  1.00 50.98  ? 222 HOH A O     1 
HETATM 281 O  O     . HOH D 4 .  ? 11.345 -17.535 -8.593  1.00 59.85  ? 223 HOH A O     1 
HETATM 282 O  O     . HOH D 4 .  ? 9.406  -4.762  -4.716  1.00 50.52  ? 224 HOH A O     1 
HETATM 283 O  O     . HOH D 4 .  ? 1.296  -5.110  -8.472  1.00 38.99  ? 225 HOH A O     1 
HETATM 284 O  O     . HOH D 4 .  ? 10.328 3.830   -5.256  1.00 54.35  ? 226 HOH A O     1 
HETATM 285 O  O     . HOH D 4 .  ? 5.314  4.707   -1.603  1.00 42.76  ? 227 HOH A O     1 
HETATM 286 O  O     . HOH D 4 .  ? 5.747  -20.227 -1.643  1.00 47.43  ? 228 HOH A O     1 
HETATM 287 O  O     . HOH D 4 .  ? 6.161  -10.709 -10.315 1.00 32.25  ? 229 HOH A O     1 
HETATM 288 O  O     . HOH D 4 .  ? 11.267 -10.305 -1.646  1.00 53.23  ? 230 HOH A O     1 
HETATM 289 O  O     . HOH D 4 .  ? 5.895  -9.666  3.093   1.00 36.18  ? 231 HOH A O     1 
HETATM 290 O  O     . HOH D 4 .  ? 11.467 -14.078 -2.885  1.00 58.27  ? 232 HOH A O     1 
HETATM 291 O  O     . HOH D 4 .  ? 2.793  -23.983 1.927   1.00 49.50  ? 233 HOH A O     1 
HETATM 292 O  O     . HOH D 4 .  ? 6.285  0.141   -10.332 1.00 57.83  ? 234 HOH A O     1 
HETATM 293 O  O     . HOH D 4 .  ? 2.694  -0.696  -11.987 1.00 57.02  ? 235 HOH A O     1 
HETATM 294 O  O     . HOH D 4 .  ? 11.579 9.327   0.529   1.00 51.19  ? 236 HOH A O     1 
HETATM 295 O  O     . HOH D 4 .  ? 8.064  -8.656  -10.532 1.00 58.14  ? 237 HOH A O     1 
HETATM 296 O  O     . HOH D 4 .  ? 9.400  -18.415 -11.521 1.00 52.05  ? 238 HOH A O     1 
HETATM 297 O  O     . HOH D 4 .  ? -2.513 -27.305 1.536   1.00 54.76  ? 239 HOH A O     1 
HETATM 298 O  O     . HOH D 4 .  ? 9.042  -8.593  0.937   1.00 51.14  ? 240 HOH A O     1 
HETATM 299 O  O     . HOH D 4 .  ? 0.341  -22.047 1.831   1.00 50.40  ? 241 HOH A O     1 
HETATM 300 O  O     . HOH D 4 .  ? -3.539 -23.726 1.677   0.50 51.63  ? 242 HOH A O     1 
HETATM 301 O  O     . HOH D 4 .  ? 13.255 -21.382 -10.169 1.00 57.95  ? 243 HOH A O     1 
HETATM 302 O  O     . HOH E 4 .  ? -5.803 0.064   3.763   1.00 39.36  ? 101 HOH B O     1 
HETATM 303 O  O     . HOH E 4 .  ? 3.141  6.858   4.938   0.50 24.71  ? 102 HOH B O     1 
HETATM 304 O  O     . HOH E 4 .  ? 2.220  6.646   1.453   1.00 29.49  ? 103 HOH B O     1 
HETATM 305 O  O     . HOH E 4 .  ? 0.175  5.335   -1.925  1.00 44.01  ? 104 HOH B O     1 
HETATM 306 O  O     . HOH E 4 .  ? -6.384 -0.029  -3.406  1.00 41.75  ? 105 HOH B O     1 
HETATM 307 O  O     . HOH E 4 .  ? -0.923 1.769   -7.316  1.00 34.92  ? 106 HOH B O     1 
HETATM 308 O  O     . HOH E 4 .  ? -5.113 2.254   -0.328  1.00 43.26  ? 107 HOH B O     1 
HETATM 309 O  O     . HOH E 4 .  ? 9.574  -6.162  0.333   1.00 47.56  ? 108 HOH B O     1 
HETATM 310 O  O     . HOH E 4 .  ? 10.103 -4.104  -1.120  1.00 48.82  ? 109 HOH B O     1 
HETATM 311 O  O     . HOH E 4 .  ? -0.738 -3.653  -8.568  1.00 46.11  ? 110 HOH B O     1 
HETATM 312 O  O     . HOH E 4 .  ? -1.431 0.475   -9.814  1.00 53.96  ? 111 HOH B O     1 
HETATM 313 O  O     . HOH E 4 .  ? -3.386 2.972   -7.084  1.00 47.62  ? 112 HOH B O     1 
HETATM 314 O  O     . HOH E 4 .  ? -4.644 -2.931  -9.766  1.00 51.57  ? 113 HOH B O     1 
HETATM 315 O  O     . HOH E 4 .  ? -9.721 -0.731  1.860   1.00 61.82  ? 114 HOH B O     1 
# 
loop_
_atom_site_anisotrop.id 
_atom_site_anisotrop.type_symbol 
_atom_site_anisotrop.pdbx_label_atom_id 
_atom_site_anisotrop.pdbx_label_alt_id 
_atom_site_anisotrop.pdbx_label_comp_id 
_atom_site_anisotrop.pdbx_label_asym_id 
_atom_site_anisotrop.pdbx_label_seq_id 
_atom_site_anisotrop.pdbx_PDB_ins_code 
_atom_site_anisotrop.U[1][1] 
_atom_site_anisotrop.U[2][2] 
_atom_site_anisotrop.U[3][3] 
_atom_site_anisotrop.U[1][2] 
_atom_site_anisotrop.U[1][3] 
_atom_site_anisotrop.U[2][3] 
_atom_site_anisotrop.pdbx_auth_seq_id 
_atom_site_anisotrop.pdbx_auth_comp_id 
_atom_site_anisotrop.pdbx_auth_asym_id 
_atom_site_anisotrop.pdbx_auth_atom_id 
1   P P     . DT  A 1 ? 1.5515 1.1414 1.3997 0.0529  -0.1755 0.0740  1 DT  A P     
2   O OP1   . DT  A 1 ? 1.5969 1.1224 1.3987 0.0487  -0.1875 0.0859  1 DT  A OP1   
3   O OP2   . DT  A 1 ? 1.4691 1.0932 1.2983 0.0326  -0.1594 0.0815  1 DT  A OP2   
4   O "O5'" . DT  A 1 ? 1.3912 1.0117 1.2943 0.0872  -0.1984 0.0568  1 DT  A "O5'" 
5   C "C5'" . DT  A 1 ? 1.0564 0.7333 0.9864 0.0911  -0.1957 0.0497  1 DT  A "C5'" 
6   C "C4'" . DT  A 1 ? 0.8095 0.5496 0.7967 0.0902  -0.1713 0.0270  1 DT  A "C4'" 
7   O "O4'" . DT  A 1 ? 0.7418 0.4817 0.7165 0.0685  -0.1444 0.0296  1 DT  A "O4'" 
8   C "C3'" . DT  A 1 ? 0.7546 0.5479 0.7584 0.0849  -0.1603 0.0220  1 DT  A "C3'" 
9   O "O3'" . DT  A 1 ? 0.8507 0.6766 0.9020 0.1061  -0.1746 0.0023  1 DT  A "O3'" 
10  C "C2'" . DT  A 1 ? 0.5830 0.4094 0.5982 0.0667  -0.1281 0.0153  1 DT  A "C2'" 
11  C "C1'" . DT  A 1 ? 0.5556 0.3489 0.5534 0.0581  -0.1204 0.0196  1 DT  A "C1'" 
12  N N1    . DT  A 1 ? 0.4693 0.2609 0.4311 0.0335  -0.1008 0.0308  1 DT  A N1    
13  C C2    . DT  A 1 ? 0.4285 0.2469 0.4048 0.0236  -0.0782 0.0204  1 DT  A C2    
14  O O2    . DT  A 1 ? 0.4191 0.2597 0.4311 0.0310  -0.0716 0.0046  1 DT  A O2    
15  N N3    . DT  A 1 ? 0.4224 0.2427 0.3696 0.0039  -0.0639 0.0267  1 DT  A N3    
16  C C4    . DT  A 1 ? 0.4503 0.2513 0.3568 -0.0100 -0.0662 0.0405  1 DT  A C4    
17  O O4    . DT  A 1 ? 0.4186 0.2308 0.3069 -0.0282 -0.0512 0.0395  1 DT  A O4    
18  C C5    . DT  A 1 ? 0.5037 0.2730 0.3902 -0.0021 -0.0879 0.0534  1 DT  A C5    
19  C C7    . DT  A 1 ? 0.6137 0.3571 0.4487 -0.0200 -0.0904 0.0688  1 DT  A C7    
20  C C6    . DT  A 1 ? 0.5261 0.2906 0.4407 0.0209  -0.1060 0.0486  1 DT  A C6    
21  P P     . DT  A 2 ? 0.6558 0.5234 0.7711 0.1157  -0.1644 -0.0290 2 DT  A P     
22  O OP1   . DT  A 2 ? 0.7660 0.6041 0.8907 0.1257  -0.1709 -0.0355 2 DT  A OP1   
23  O OP2   . DT  A 2 ? 0.8110 0.7137 0.9631 0.1310  -0.1788 -0.0469 2 DT  A OP2   
24  O "O5'" . DT  A 2 ? 0.5203 0.4244 0.6392 0.0921  -0.1288 -0.0327 2 DT  A "O5'" 
25  C "C5'" . DT  A 2 ? 0.4333 0.3593 0.5841 0.0881  -0.1097 -0.0524 2 DT  A "C5'" 
26  C "C4'" . DT  A 2 ? 0.4470 0.3965 0.5861 0.0665  -0.0817 -0.0510 2 DT  A "C4'" 
27  O "O4'" . DT  A 2 ? 0.4041 0.3284 0.5015 0.0539  -0.0741 -0.0312 2 DT  A "O4'" 
28  C "C3'" . DT  A 2 ? 0.5225 0.4929 0.6536 0.0603  -0.0794 -0.0472 2 DT  A "C3'" 
29  O "O3'" . DT  A 2 ? 0.7189 0.7267 0.8915 0.0635  -0.0765 -0.0716 2 DT  A "O3'" 
30  C "C2'" . DT  A 2 ? 0.3852 0.3557 0.4854 0.0418  -0.0588 -0.0370 2 DT  A "C2'" 
31  C "C1'" . DT  A 2 ? 0.3714 0.3145 0.4525 0.0394  -0.0574 -0.0276 2 DT  A "C1'" 
32  N N1    . DT  A 2 ? 0.3438 0.2681 0.3832 0.0303  -0.0588 -0.0077 2 DT  A N1    
33  C C2    . DT  A 2 ? 0.2967 0.2229 0.3187 0.0181  -0.0435 -0.0062 2 DT  A C2    
34  O O2    . DT  A 2 ? 0.3432 0.2808 0.3759 0.0146  -0.0303 -0.0171 2 DT  A O2    
35  N N3    . DT  A 2 ? 0.3052 0.2208 0.2956 0.0091  -0.0443 0.0061  2 DT  A N3    
36  C C4    . DT  A 2 ? 0.3285 0.2290 0.2980 0.0084  -0.0568 0.0187  2 DT  A C4    
37  O O4    . DT  A 2 ? 0.3444 0.2392 0.2854 -0.0039 -0.0533 0.0260  2 DT  A O4    
38  C C5    . DT  A 2 ? 0.3926 0.2858 0.3756 0.0224  -0.0744 0.0201  2 DT  A C5    
39  C C7    . DT  A 2 ? 0.4551 0.3275 0.4102 0.0228  -0.0912 0.0342  2 DT  A C7    
40  C C6    . DT  A 2 ? 0.3568 0.2643 0.3769 0.0339  -0.0754 0.0058  2 DT  A C6    
41  P P     . DG  A 3 ? 0.4110 0.4484 0.6077 0.0491  -0.0500 -0.0949 3 DG  A P     
42  O OP1   . DG  A 3 ? 0.6015 0.6280 0.8031 0.0490  -0.0424 -0.1001 3 DG  A OP1   
43  O OP2   . DG  A 3 ? 0.6194 0.6924 0.8585 0.0528  -0.0518 -0.1210 3 DG  A OP2   
44  O "O5'" . DG  A 3 ? 0.3182 0.3514 0.4750 0.0292  -0.0317 -0.0810 3 DG  A "O5'" 
45  C "C5'" . DG  A 3 ? 0.3277 0.3573 0.4692 0.0146  -0.0106 -0.0839 3 DG  A "C5'" 
46  C "C4'" . DG  A 3 ? 0.2777 0.2945 0.3763 0.0029  -0.0032 -0.0679 3 DG  A "C4'" 
47  O "O4'" . DG  A 3 ? 0.2952 0.2929 0.3682 0.0087  -0.0137 -0.0480 3 DG  A "O4'" 
48  C "C3'" . DG  A 3 ? 0.2285 0.2537 0.3228 -0.0010 -0.0051 -0.0676 3 DG  A "C3'" 
49  O "O3'" . DG  A 3 ? 0.3763 0.4014 0.4561 -0.0185 0.0137  -0.0763 3 DG  A "O3'" 
50  C "C2'" . DG  A 3 ? 0.2683 0.2777 0.3308 0.0033  -0.0164 -0.0460 3 DG  A "C2'" 
51  C "C1'" . DG  A 3 ? 0.2666 0.2604 0.3124 0.0047  -0.0154 -0.0370 3 DG  A "C1'" 
52  N N9    . DG  A 3 ? 0.2505 0.2340 0.2811 0.0106  -0.0283 -0.0218 3 DG  A N9    
53  C C8    . DG  A 3 ? 0.2704 0.2521 0.3061 0.0186  -0.0442 -0.0151 3 DG  A C8    
54  N N7    . DG  A 3 ? 0.2930 0.2612 0.3045 0.0173  -0.0500 -0.0020 3 DG  A N7    
55  C C5    . DG  A 3 ? 0.2772 0.2441 0.2736 0.0097  -0.0378 -0.0026 3 DG  A C5    
56  C C6    . DG  A 3 ? 0.2593 0.2206 0.2326 0.0034  -0.0357 0.0034  3 DG  A C6    
57  O O6    . DG  A 3 ? 0.3092 0.2631 0.2665 -0.0004 -0.0415 0.0115  3 DG  A O6    
58  N N1    . DG  A 3 ? 0.2531 0.2190 0.2209 -0.0003 -0.0251 -0.0037 3 DG  A N1    
59  C C2    . DG  A 3 ? 0.2387 0.2074 0.2136 0.0001  -0.0172 -0.0119 3 DG  A C2    
60  N N2    . DG  A 3 ? 0.2580 0.2263 0.2193 -0.0028 -0.0104 -0.0170 3 DG  A N2    
61  N N3    . DG  A 3 ? 0.2520 0.2238 0.2444 0.0016  -0.0158 -0.0171 3 DG  A N3    
62  C C4    . DG  A 3 ? 0.2593 0.2332 0.2654 0.0072  -0.0263 -0.0134 3 DG  A C4    
63  P P     . DG  A 4 ? 0.3902 0.4375 0.4929 -0.0302 0.0237  -0.0974 4 DG  A P     
64  O OP1   . DG  A 4 ? 0.4776 0.5105 0.5501 -0.0529 0.0461  -0.1032 4 DG  A OP1   
65  O OP2   . DG  A 4 ? 0.4134 0.4915 0.5693 -0.0199 0.0172  -0.1181 4 DG  A OP2   
66  O "O5'" . DG  A 4 ? 0.3455 0.3903 0.4360 -0.0265 0.0116  -0.0860 4 DG  A "O5'" 
67  C "C5'" . DG  A 4 ? 0.3447 0.3640 0.3911 -0.0342 0.0149  -0.0718 4 DG  A "C5'" 
68  C "C4'" . DG  A 4 ? 0.3524 0.3748 0.3960 -0.0273 0.0011  -0.0636 4 DG  A "C4'" 
69  O "O4'" . DG  A 4 ? 0.3487 0.3736 0.3977 -0.0102 -0.0171 -0.0508 4 DG  A "O4'" 
70  C "C3'" . DG  A 4 ? 0.3498 0.3987 0.4254 -0.0309 0.0007  -0.0806 4 DG  A "C3'" 
71  O "O3'" . DG  A 4 ? 0.3857 0.4253 0.4399 -0.0351 -0.0020 -0.0745 4 DG  A "O3'" 
72  C "C2'" . DG  A 4 ? 0.3196 0.3870 0.4261 -0.0105 -0.0201 -0.0793 4 DG  A "C2'" 
73  C "C1'" . DG  A 4 ? 0.3410 0.3850 0.4138 -0.0024 -0.0304 -0.0551 4 DG  A "C1'" 
74  N N9    . DG  A 4 ? 0.3184 0.3604 0.3986 0.0126  -0.0468 -0.0460 4 DG  A N9    
75  C C8    . DG  A 4 ? 0.3225 0.3660 0.4252 0.0209  -0.0505 -0.0521 4 DG  A C8    
76  N N7    . DG  A 4 ? 0.4081 0.4370 0.5020 0.0321  -0.0669 -0.0387 4 DG  A N7    
77  C C5    . DG  A 4 ? 0.4076 0.4296 0.4720 0.0293  -0.0722 -0.0242 4 DG  A C5    
78  C C6    . DG  A 4 ? 0.4378 0.4435 0.4765 0.0330  -0.0858 -0.0074 4 DG  A C6    
79  O O6    . DG  A 4 ? 0.4802 0.4668 0.5118 0.0395  -0.0972 0.0007  4 DG  A O6    
80  N N1    . DG  A 4 ? 0.4141 0.4237 0.4307 0.0264  -0.0850 -0.0012 4 DG  A N1    
81  C C2    . DG  A 4 ? 0.3902 0.4122 0.4084 0.0196  -0.0746 -0.0088 4 DG  A C2    
82  N N2    . DG  A 4 ? 0.3715 0.3953 0.3688 0.0158  -0.0767 -0.0036 4 DG  A N2    
83  N N3    . DG  A 4 ? 0.3918 0.4216 0.4279 0.0150  -0.0624 -0.0219 4 DG  A N3    
84  C C4    . DG  A 4 ? 0.4072 0.4387 0.4661 0.0191  -0.0608 -0.0294 4 DG  A C4    
85  P P     . DC  A 5 ? 0.3772 0.4082 0.4171 -0.0578 0.0156  -0.0870 5 DC  A P     
86  O OP1   . DC  A 5 ? 0.4501 0.4955 0.5102 -0.0749 0.0354  -0.1093 5 DC  A OP1   
87  O OP2   . DC  A 5 ? 0.3411 0.3860 0.3911 -0.0536 0.0045  -0.0883 5 DC  A OP2   
88  O "O5'" . DC  A 5 ? 0.4310 0.4160 0.4142 -0.0629 0.0192  -0.0702 5 DC  A "O5'" 
89  C "C5'" . DC  A 5 ? 0.3952 0.3552 0.3511 -0.0732 0.0323  -0.0691 5 DC  A "C5'" 
90  C "C4'" . DC  A 5 ? 0.4254 0.3508 0.3377 -0.0634 0.0221  -0.0509 5 DC  A "C4'" 
91  O "O4'" . DC  A 5 ? 0.3807 0.3245 0.3112 -0.0436 0.0078  -0.0419 5 DC  A "O4'" 
92  C "C3'" . DC  A 5 ? 0.3946 0.2979 0.2799 -0.0610 0.0128  -0.0445 5 DC  A "C3'" 
93  O "O3'" . DC  A 5 ? 0.4747 0.3320 0.3084 -0.0621 0.0111  -0.0366 5 DC  A "O3'" 
94  C "C2'" . DC  A 5 ? 0.3712 0.2987 0.2767 -0.0401 -0.0055 -0.0364 5 DC  A "C2'" 
95  C "C1'" . DC  A 5 ? 0.3138 0.2486 0.2262 -0.0322 -0.0064 -0.0317 5 DC  A "C1'" 
96  N N1    . DC  A 5 ? 0.2841 0.2451 0.2212 -0.0183 -0.0186 -0.0263 5 DC  A N1    
97  C C2    . DC  A 5 ? 0.3207 0.2792 0.2462 -0.0088 -0.0257 -0.0187 5 DC  A C2    
98  O O2    . DC  A 5 ? 0.3503 0.2885 0.2500 -0.0086 -0.0239 -0.0180 5 DC  A O2    
99  N N3    . DC  A 5 ? 0.2795 0.2565 0.2196 -0.0013 -0.0345 -0.0138 5 DC  A N3    
100 C C4    . DC  A 5 ? 0.2472 0.2402 0.2091 -0.0002 -0.0396 -0.0140 5 DC  A C4    
101 N N4    . DC  A 5 ? 0.2635 0.2655 0.2290 0.0050  -0.0492 -0.0071 5 DC  A N4    
102 C C5    . DC  A 5 ? 0.2828 0.2827 0.2615 -0.0057 -0.0356 -0.0229 5 DC  A C5    
103 C C6    . DC  A 5 ? 0.2592 0.2448 0.2263 -0.0161 -0.0235 -0.0298 5 DC  A C6    
104 P P     . DG  A 6 ? 0.5073 0.3150 0.2925 -0.0856 0.0248  -0.0399 6 DG  A P     
105 O OP1   . DG  A 6 ? 0.5937 0.3559 0.3274 -0.0790 0.0167  -0.0296 6 DG  A OP1   
106 O OP2   . DG  A 6 ? 0.5437 0.3681 0.3481 -0.1101 0.0478  -0.0551 6 DG  A OP2   
107 O "O5'" . DG  A 6 ? 0.4913 0.2855 0.2672 -0.0851 0.0171  -0.0402 6 DG  A "O5'" 
108 C "C5'" . DG  A 6 ? 0.4426 0.2637 0.2501 -0.0984 0.0267  -0.0527 6 DG  A "C5'" 
109 C "C4'" . DG  A 6 ? 0.4053 0.2429 0.2293 -0.0825 0.0102  -0.0506 6 DG  A "C4'" 
110 O "O4'" . DG  A 6 ? 0.3635 0.2400 0.2202 -0.0602 -0.0039 -0.0446 6 DG  A "O4'" 
111 C "C3'" . DG  A 6 ? 0.4136 0.2787 0.2681 -0.0949 0.0172  -0.0646 6 DG  A "C3'" 
112 O "O3'" . DG  A 6 ? 0.5350 0.3624 0.3560 -0.1007 0.0145  -0.0645 6 DG  A "O3'" 
113 C "C2'" . DG  A 6 ? 0.3824 0.3001 0.2840 -0.0742 0.0019  -0.0636 6 DG  A "C2'" 
114 C "C1'" . DG  A 6 ? 0.3352 0.2425 0.2202 -0.0539 -0.0125 -0.0485 6 DG  A "C1'" 
115 N N9    . DG  A 6 ? 0.3044 0.2501 0.2220 -0.0391 -0.0218 -0.0440 6 DG  A N9    
116 C C8    . DG  A 6 ? 0.2817 0.2609 0.2372 -0.0393 -0.0195 -0.0498 6 DG  A C8    
117 N N7    . DG  A 6 ? 0.2847 0.2811 0.2531 -0.0250 -0.0308 -0.0415 6 DG  A N7    
118 C C5    . DG  A 6 ? 0.2738 0.2535 0.2146 -0.0173 -0.0379 -0.0321 6 DG  A C5    
119 C C6    . DG  A 6 ? 0.2819 0.2706 0.2203 -0.0060 -0.0477 -0.0236 6 DG  A C6    
120 O O6    . DG  A 6 ? 0.2718 0.2770 0.2254 -0.0013 -0.0526 -0.0190 6 DG  A O6    
121 N N1    . DG  A 6 ? 0.2833 0.2572 0.1969 -0.0008 -0.0523 -0.0227 6 DG  A N1    
122 C C2    . DG  A 6 ? 0.3265 0.2727 0.2165 -0.0030 -0.0514 -0.0268 6 DG  A C2    
123 N N2    . DG  A 6 ? 0.3283 0.2635 0.1991 0.0072  -0.0606 -0.0284 6 DG  A N2    
124 N N3    . DG  A 6 ? 0.3114 0.2401 0.1958 -0.0151 -0.0424 -0.0311 6 DG  A N3    
125 C C4    . DG  A 6 ? 0.2908 0.2411 0.2032 -0.0231 -0.0344 -0.0345 6 DG  A C4    
126 P P     . DA  A 7 ? 0.5307 0.3640 0.3622 -0.1230 0.0270  -0.0811 7 DA  A P     
127 O OP1   . DA  A 7 ? 0.5959 0.3612 0.3687 -0.1346 0.0286  -0.0774 7 DA  A OP1   
128 O OP2   . DA  A 7 ? 0.5962 0.4638 0.4609 -0.1432 0.0470  -0.0982 7 DA  A OP2   
129 O "O5'" . DA  A 7 ? 0.5409 0.4223 0.4144 -0.1033 0.0097  -0.0831 7 DA  A "O5'" 
130 C "C5'" . DA  A 7 ? 0.4546 0.3512 0.3443 -0.1138 0.0123  -0.0971 7 DA  A "C5'" 
131 C "C4'" . DA  A 7 ? 0.4512 0.3343 0.3258 -0.0983 -0.0048 -0.0909 7 DA  A "C4'" 
132 O "O4'" . DA  A 7 ? 0.4031 0.3229 0.3012 -0.0735 -0.0223 -0.0822 7 DA  A "O4'" 
133 C "C3'" . DA  A 7 ? 0.4618 0.3564 0.3486 -0.1083 -0.0036 -0.1055 7 DA  A "C3'" 
134 O "O3'" . DA  A 7 ? 0.5354 0.3824 0.3828 -0.1029 -0.0123 -0.1006 7 DA  A "O3'" 
135 C "C2'" . DA  A 7 ? 0.3807 0.3381 0.3134 -0.0903 -0.0185 -0.1073 7 DA  A "C2'" 
136 C "C1'" . DA  A 7 ? 0.3746 0.3274 0.2959 -0.0681 -0.0319 -0.0895 7 DA  A "C1'" 
137 N N9    . DA  A 7 ? 0.3376 0.3356 0.2897 -0.0533 -0.0426 -0.0841 7 DA  A N9    
138 C C8    . DA  A 7 ? 0.3244 0.3317 0.2720 -0.0364 -0.0562 -0.0736 7 DA  A C8    
139 N N7    . DA  A 7 ? 0.2665 0.3044 0.2348 -0.0286 -0.0630 -0.0684 7 DA  A N7    
140 C C5    . DA  A 7 ? 0.2732 0.3255 0.2660 -0.0368 -0.0559 -0.0770 7 DA  A C5    
141 C C6    . DA  A 7 ? 0.2644 0.3455 0.2863 -0.0309 -0.0615 -0.0782 7 DA  A C6    
142 N N6    . DA  A 7 ? 0.2511 0.3433 0.2738 -0.0171 -0.0757 -0.0663 7 DA  A N6    
143 N N1    . DA  A 7 ? 0.2573 0.3534 0.3059 -0.0404 -0.0524 -0.0940 7 DA  A N1    
144 C C2    . DA  A 7 ? 0.2705 0.3512 0.3119 -0.0595 -0.0353 -0.1063 7 DA  A C2    
145 N N3    . DA  A 7 ? 0.3231 0.3673 0.3298 -0.0687 -0.0283 -0.1031 7 DA  A N3    
146 C C4    . DA  A 7 ? 0.2874 0.3195 0.2729 -0.0538 -0.0412 -0.0882 7 DA  A C4    
147 P P     . DA  A 8 ? 0.6473 0.4615 0.4746 -0.1215 -0.0055 -0.1134 8 DA  A P     
148 O OP1   . DA  A 8 ? 0.8877 0.6198 0.6522 -0.1315 -0.0014 -0.1063 8 DA  A OP1   
149 O OP2   . DA  A 8 ? 0.5107 0.3708 0.3781 -0.1416 0.0090  -0.1317 8 DA  A OP2   
150 O "O5'" . DA  A 8 ? 0.7547 0.5849 0.5915 -0.0990 -0.0259 -0.1140 8 DA  A "O5'" 
151 C "C5'" . DA  A 8 ? 0.6665 0.5561 0.5460 -0.0954 -0.0303 -0.1229 8 DA  A "C5'" 
152 C "C4'" . DA  A 8 ? 0.4654 0.3775 0.3524 -0.0704 -0.0496 -0.1177 8 DA  A "C4'" 
153 O "O4'" . DA  A 8 ? 0.3656 0.3182 0.2759 -0.0589 -0.0540 -0.1075 8 DA  A "O4'" 
154 C "C3'" . DA  A 8 ? 0.6349 0.5831 0.5449 -0.0705 -0.0556 -0.1313 8 DA  A "C3'" 
155 O "O3'" . DA  A 8 ? 0.7645 0.7116 0.6656 -0.0530 -0.0701 -0.1317 8 DA  A "O3'" 
156 C "C2'" . DA  A 8 ? 0.4943 0.5017 0.4420 -0.0676 -0.0582 -0.1302 8 DA  A "C2'" 
157 C "C1'" . DA  A 8 ? 0.3965 0.3995 0.3359 -0.0532 -0.0630 -0.1127 8 DA  A "C1'" 
158 N N9    . DA  A 8 ? 0.3130 0.3527 0.2786 -0.0505 -0.0642 -0.1075 8 DA  A N9    
159 C C8    . DA  A 8 ? 0.3102 0.3716 0.3021 -0.0610 -0.0570 -0.1166 8 DA  A C8    
160 N N7    . DA  A 8 ? 0.2790 0.3695 0.2913 -0.0510 -0.0648 -0.1104 8 DA  A N7    
161 C C5    . DA  A 8 ? 0.2757 0.3626 0.2710 -0.0368 -0.0754 -0.0955 8 DA  A C5    
162 C C6    . DA  A 8 ? 0.2547 0.3570 0.2523 -0.0247 -0.0860 -0.0825 8 DA  A C6    
163 N N6    . DA  A 8 ? 0.2637 0.3858 0.2826 -0.0204 -0.0918 -0.0815 8 DA  A N6    
164 N N1    . DA  A 8 ? 0.2738 0.3691 0.2504 -0.0176 -0.0911 -0.0730 8 DA  A N1    
165 C C2    . DA  A 8 ? 0.3054 0.3828 0.2648 -0.0181 -0.0884 -0.0778 8 DA  A C2    
166 N N3    . DA  A 8 ? 0.3044 0.3614 0.2584 -0.0253 -0.0822 -0.0884 8 DA  A N3    
167 C C4    . DA  A 8 ? 0.2838 0.3442 0.2539 -0.0364 -0.0744 -0.0955 8 DA  A C4    
168 N N     . THR B 1 ? 0.3082 0.2638 0.2646 -0.0107 0.0088  -0.0076 1 THR B N     
169 C CA    . THR B 1 ? 0.2691 0.2150 0.2261 -0.0135 0.0087  -0.0004 1 THR B CA    
170 C C     . THR B 1 ? 0.3008 0.2432 0.2504 -0.0081 0.0060  0.0009  1 THR B C     
171 O O     . THR B 1 ? 0.2951 0.2453 0.2397 -0.0048 0.0065  -0.0017 1 THR B O     
172 C CB    . THR B 1 ? 0.2742 0.2229 0.2295 -0.0200 0.0135  0.0072  1 THR B CB    
173 O OG1   . THR B 1 ? 0.3166 0.2751 0.2614 -0.0181 0.0156  0.0086  1 THR B OG1   
174 C CG2   . THR B 1 ? 0.3116 0.2693 0.2783 -0.0262 0.0179  0.0027  1 THR B CG2   
175 N N     . DVA B 2 ? 0.2950 0.2265 0.2466 -0.0069 0.0022  0.0034  2 DVA B N     
176 C CA    . DVA B 2 ? 0.3116 0.2407 0.2583 -0.0014 -0.0016 0.0038  2 DVA B CA    
177 C CB    . DVA B 2 ? 0.5589 0.4758 0.5011 -0.0006 -0.0070 0.0126  2 DVA B CB    
178 C CG1   . DVA B 2 ? 0.4924 0.4010 0.4424 0.0055  -0.0146 0.0071  2 DVA B CG1   
179 C CG2   . DVA B 2 ? 0.3639 0.2728 0.3068 -0.0082 -0.0046 0.0212  2 DVA B CG2   
180 C C     . DVA B 2 ? 0.3190 0.2490 0.2718 0.0027  -0.0029 -0.0060 2 DVA B C     
181 O O     . DVA B 2 ? 0.3182 0.2437 0.2789 0.0022  -0.0035 -0.0112 2 DVA B O     
182 N N     . PRO B 3 ? 0.3255 0.2625 0.2751 0.0061  -0.0021 -0.0097 3 PRO B N     
183 C CA    . PRO B 3 ? 0.3239 0.2698 0.2655 0.0070  -0.0008 -0.0067 3 PRO B CA    
184 C C     . PRO B 3 ? 0.3365 0.2814 0.2707 0.0105  -0.0052 -0.0014 3 PRO B C     
185 O O     . PRO B 3 ? 0.3864 0.3248 0.3239 0.0151  -0.0112 -0.0035 3 PRO B O     
186 C CB    . PRO B 3 ? 0.3450 0.2966 0.2900 0.0096  0.0007  -0.0150 3 PRO B CB    
187 C CG    . PRO B 3 ? 0.3415 0.2878 0.2947 0.0109  -0.0002 -0.0213 3 PRO B CG    
188 C CD    . PRO B 3 ? 0.3122 0.2505 0.2680 0.0080  -0.0009 -0.0191 3 PRO B CD    
189 N N     . SAR B 4 ? 0.3297 0.2807 0.2531 0.0086  -0.0029 0.0046  4 SAR B N     
190 C CA    . SAR B 4 ? 0.3290 0.2905 0.2530 0.0038  0.0035  0.0038  4 SAR B CA    
191 C C     . SAR B 4 ? 0.3205 0.2784 0.2411 -0.0037 0.0075  0.0122  4 SAR B C     
192 O O     . SAR B 4 ? 0.3699 0.3118 0.2890 -0.0052 0.0042  0.0197  4 SAR B O     
193 C CN    . SAR B 4 ? 0.3415 0.2897 0.2522 0.0124  -0.0077 0.0106  4 SAR B CN    
194 N N     . MVA B 5 ? 0.3366 0.3064 0.2587 -0.0089 0.0136  0.0108  5 MVA B N     
195 C CN    . MVA B 5 ? 0.3471 0.3311 0.2763 -0.0067 0.0148  0.0005  5 MVA B CN    
196 C CA    . MVA B 5 ? 0.4472 0.4165 0.3655 -0.0179 0.0201  0.0188  5 MVA B CA    
197 C CB    . MVA B 5 ? 0.5177 0.4892 0.4171 -0.0200 0.0232  0.0275  5 MVA B CB    
198 C CG1   . MVA B 5 ? 0.5999 0.5857 0.4910 -0.0128 0.0214  0.0215  5 MVA B CG1   
199 C CG2   . MVA B 5 ? 0.5397 0.5163 0.4384 -0.0322 0.0339  0.0322  5 MVA B CG2   
200 C C     . MVA B 5 ? 0.7672 0.7167 0.6857 -0.0222 0.0183  0.0282  5 MVA B C     
201 O O     . MVA B 5 ? 0.5302 0.4754 0.4613 -0.0264 0.0194  0.0265  5 MVA B O     
202 C C1    . PXZ B 6 ? 0.2691 0.2355 0.2333 -0.0072 0.0043  -0.0234 6 PXZ B C1    
203 C C0    . PXZ B 6 ? 0.3967 0.3588 0.3652 -0.0125 0.0077  -0.0171 6 PXZ B C0    
204 O O1    . PXZ B 6 ? 0.3091 0.2618 0.2807 -0.0132 0.0060  -0.0165 6 PXZ B O1    
205 C C2    . PXZ B 6 ? 0.2590 0.2368 0.2335 -0.0088 0.0044  -0.0297 6 PXZ B C2    
206 N N2    . PXZ B 6 ? 0.3153 0.2985 0.3006 -0.0159 0.0093  -0.0286 6 PXZ B N2    
207 C C3    . PXZ B 6 ? 0.3058 0.2888 0.2808 -0.0034 -0.0009 -0.0376 6 PXZ B C3    
208 O O3    . PXZ B 6 ? 0.5154 0.5105 0.5029 -0.0041 -0.0019 -0.0460 6 PXZ B O3    
209 C C4    . PXZ B 6 ? 0.2617 0.2352 0.2246 0.0025  -0.0054 -0.0370 6 PXZ B C4    
210 O O5    . PXZ B 6 ? 0.2949 0.2487 0.2379 0.0059  -0.0056 -0.0302 6 PXZ B O5    
211 C C6    . PXZ B 6 ? 0.3364 0.2729 0.2635 0.0073  -0.0038 -0.0266 6 PXZ B C6    
212 C C7    . PXZ B 6 ? 0.3395 0.2690 0.2622 0.0053  0.0007  -0.0247 6 PXZ B C7    
213 C C8    . PXZ B 6 ? 0.3341 0.2669 0.2624 0.0030  0.0047  -0.0236 6 PXZ B C8    
214 C C9    . PXZ B 6 ? 0.3293 0.2685 0.2648 0.0020  0.0041  -0.0221 6 PXZ B C9    
215 C "C0'" . PXZ B 6 ? 0.5355 0.4728 0.4747 0.0010  0.0066  -0.0216 6 PXZ B "C0'" 
216 O "O1'" . PXZ B 6 ? 0.3025 0.2441 0.2467 0.0016  0.0059  -0.0189 6 PXZ B "O1'" 
217 N N10   . PXZ B 6 ? 0.2560 0.2074 0.2037 -0.0012 0.0026  -0.0209 6 PXZ B N10   
218 C C11   . PXZ B 6 ? 0.2526 0.2125 0.2068 -0.0019 0.0015  -0.0243 6 PXZ B C11   
219 C C12   . PXZ B 6 ? 0.2709 0.2332 0.2233 0.0023  -0.0032 -0.0303 6 PXZ B C12   
220 C C13   . PXZ B 6 ? 0.2766 0.2226 0.2129 0.0050  -0.0025 -0.0263 6 PXZ B C13   
221 C C14   . PXZ B 6 ? 0.2832 0.2288 0.2227 0.0020  0.0016  -0.0227 6 PXZ B C14   
222 C C15   . PXZ B 6 ? 0.3000 0.2748 0.2629 0.0089  -0.0133 -0.0450 6 PXZ B C15   
223 C C16   . PXZ B 6 ? 0.3407 0.2734 0.2639 0.0116  -0.0108 -0.0300 6 PXZ B C16   
224 N N     . THR B 7 ? 0.3516 0.2869 0.2994 -0.0021 0.0043  -0.0207 7 THR B N     
225 C CA    . THR B 7 ? 0.2781 0.2101 0.2323 -0.0021 0.0039  -0.0202 7 THR B CA    
226 C C     . THR B 7 ? 0.3075 0.2373 0.2693 -0.0046 0.0019  -0.0184 7 THR B C     
227 O O     . THR B 7 ? 0.2729 0.2051 0.2358 -0.0059 0.0016  -0.0208 7 THR B O     
228 C CB    . THR B 7 ? 0.2757 0.2043 0.2307 -0.0016 0.0053  -0.0273 7 THR B CB    
229 O OG1   . THR B 7 ? 0.3014 0.2282 0.2519 -0.0028 0.0056  -0.0310 7 THR B OG1   
230 C CG2   . THR B 7 ? 0.3274 0.2572 0.2773 -0.0011 0.0091  -0.0299 7 THR B CG2   
231 N N     . DVA B 8 ? 0.2734 0.1981 0.2417 -0.0049 -0.0005 -0.0149 8 DVA B N     
232 C CA    . DVA B 8 ? 0.2801 0.1987 0.2589 -0.0076 -0.0030 -0.0145 8 DVA B CA    
233 C CB    . DVA B 8 ? 0.2870 0.1966 0.2731 -0.0051 -0.0082 -0.0151 8 DVA B CB    
234 C CG1   . DVA B 8 ? 0.2993 0.2129 0.2874 -0.0011 -0.0081 -0.0258 8 DVA B CG1   
235 C CG2   . DVA B 8 ? 0.3251 0.2266 0.3250 -0.0077 -0.0121 -0.0155 8 DVA B CG2   
236 C C     . DVA B 8 ? 0.3113 0.2301 0.2910 -0.0129 -0.0010 -0.0063 8 DVA B C     
237 O O     . DVA B 8 ? 0.3005 0.2166 0.2736 -0.0141 -0.0003 0.0024  8 DVA B O     
238 N N     . PRO B 9 ? 0.2789 0.2019 0.2664 -0.0164 0.0004  -0.0101 9 PRO B N     
239 C CA    . PRO B 9 ? 0.2733 0.2012 0.2634 -0.0138 -0.0012 -0.0207 9 PRO B CA    
240 C C     . PRO B 9 ? 0.2738 0.1963 0.2746 -0.0128 -0.0052 -0.0278 9 PRO B C     
241 O O     . PRO B 9 ? 0.2990 0.2142 0.3120 -0.0157 -0.0072 -0.0253 9 PRO B O     
242 C CB    . PRO B 9 ? 0.2579 0.1945 0.2544 -0.0174 0.0006  -0.0228 9 PRO B CB    
243 C CG    . PRO B 9 ? 0.2883 0.2216 0.2925 -0.0247 0.0044  -0.0145 9 PRO B CG    
244 C CD    . PRO B 9 ? 0.2874 0.2127 0.2798 -0.0235 0.0045  -0.0044 9 PRO B CD    
# 
